data_1W9K
#
_entry.id   1W9K
#
_cell.length_a   104.704
_cell.length_b   179.428
_cell.length_c   54.153
_cell.angle_alpha   90.00
_cell.angle_beta   90.00
_cell.angle_gamma   90.00
#
_symmetry.space_group_name_H-M   'P 21 21 2'
#
loop_
_entity.id
_entity.type
_entity.pdbx_description
1 polymer 'MYOSIN II HEAVY CHAIN'
2 non-polymer 'MAGNESIUM ION'
3 non-polymer "ADENOSINE-5'-DIPHOSPHATE"
4 non-polymer 'BERYLLIUM TRIFLUORIDE ION'
5 non-polymer 1,2-ETHANEDIOL
6 water water
#
_entity_poly.entity_id   1
_entity_poly.type   'polypeptide(L)'
_entity_poly.pdbx_seq_one_letter_code
;MDPIHDRTSDYHKYLKVKQGDSDLFKLTVSDKRYIWYNPDPKERDSYECGEIVSETSDSFTFKTVDGQDRQVKKDDANQR
NPIKFDGVEDMSELSYLNEPAVFHNLRVRYNQDLIYTYSGLFLVAVNPFKRIPIYTQEMVDIFKGRRRNEVAPHIFAISD
VAYRSMLDDRQNQSLLITGESGAGKTENTKKVIQYLASVAGRNQANGSGVLEQQILQANPILEAFGNAKTTRNNNSSRFG
KFIEIQFNSAGFISGASIQSYLLEKSRVVFQSETERNYHIFYQLLAGATAEEKKALHLAGPESFNYLNQSGCVDIKGVSD
SEEFKITRQAMDIVGFSQEEQMSIFKIIAGILHLGNIKFEKGAGEGAVLKDKTALNAASTVFGVNPSVLEKALMEPRILA
GRDLVAQHLNVEKSSSSRDALVKALYGRLFLWLVKKINNVLCEERKAYFIGVLDIEGFEIFKVNSFEQLCINYTNEKLQQ
FFNHHMFKLEQEEYLKEKINWTFIDFGLDSQATIDLIDGRQPPGILALLDEQSVFPNATDNTLITKLHSHFSKKNAKYEE
PRFSKTEFGVTHYAGQVMYEIQDWLEKNKDPLQQDLELCFKDSSDNVVTKLFNDPNIASRAKKGANFITVAAQYKEQLAS
LMATLETTNPHFVRCIIPNNKQLPAKLEDKVVLDQLRCNGVLEGIRITRKGFPNRIIYADFVKRYYLLAPNVPRDAEDSQ
KATDAVLKHLNIDPEQFRFGITKIFFRAGQLARIEEARELRGDYKDDDDK
;
_entity_poly.pdbx_strand_id   A
#
# COMPACT_ATOMS: atom_id res chain seq x y z
N ASP A 2 7.74 -27.98 23.34
CA ASP A 2 7.79 -26.48 23.28
C ASP A 2 8.80 -26.05 22.23
N PRO A 3 8.33 -25.89 20.99
CA PRO A 3 9.20 -25.55 19.85
C PRO A 3 10.16 -24.40 20.09
N ILE A 4 9.80 -23.44 20.94
CA ILE A 4 10.68 -22.30 21.16
C ILE A 4 11.95 -22.70 21.89
N HIS A 5 11.91 -23.81 22.60
CA HIS A 5 13.07 -24.29 23.35
C HIS A 5 13.66 -25.55 22.73
N ASP A 6 12.97 -26.13 21.76
CA ASP A 6 13.47 -27.30 21.06
C ASP A 6 14.23 -26.90 19.78
N ARG A 7 15.56 -26.85 19.87
CA ARG A 7 16.42 -26.48 18.74
C ARG A 7 16.24 -27.34 17.50
N THR A 8 15.48 -28.42 17.61
CA THR A 8 15.23 -29.26 16.45
C THR A 8 13.92 -28.91 15.74
N SER A 9 13.16 -27.97 16.30
CA SER A 9 11.86 -27.60 15.73
C SER A 9 11.97 -26.81 14.43
N ASP A 10 10.90 -26.85 13.64
CA ASP A 10 10.80 -26.07 12.43
C ASP A 10 10.89 -24.58 12.79
N TYR A 11 10.43 -24.24 14.00
CA TYR A 11 10.51 -22.86 14.49
C TYR A 11 11.98 -22.42 14.50
N HIS A 12 12.85 -23.23 15.10
CA HIS A 12 14.24 -22.88 15.16
C HIS A 12 14.88 -22.88 13.78
N LYS A 13 14.52 -23.84 12.96
CA LYS A 13 15.12 -23.97 11.64
C LYS A 13 14.76 -22.81 10.69
N TYR A 14 13.51 -22.37 10.72
CA TYR A 14 13.04 -21.39 9.76
C TYR A 14 12.88 -19.97 10.26
N LEU A 15 13.01 -19.75 11.57
CA LEU A 15 12.75 -18.42 12.14
C LEU A 15 13.83 -17.86 13.03
N LYS A 16 14.82 -18.68 13.36
CA LYS A 16 15.92 -18.26 14.21
C LYS A 16 17.28 -18.45 13.53
N VAL A 17 18.25 -17.65 13.93
CA VAL A 17 19.65 -17.86 13.58
C VAL A 17 20.01 -19.11 14.39
N LYS A 18 20.58 -20.14 13.75
CA LYS A 18 20.83 -21.41 14.46
C LYS A 18 21.81 -21.23 15.63
N GLN A 19 21.51 -21.88 16.75
CA GLN A 19 22.32 -21.86 17.98
C GLN A 19 23.00 -23.21 18.20
N GLY A 20 24.30 -23.22 18.50
CA GLY A 20 25.02 -24.47 18.73
C GLY A 20 25.20 -24.71 20.22
N ASP A 21 26.20 -25.53 20.58
CA ASP A 21 26.50 -25.79 21.99
C ASP A 21 27.03 -24.50 22.62
N ASP A 31 39.54 -8.82 18.06
CA ASP A 31 39.63 -7.37 18.25
C ASP A 31 40.09 -6.73 16.95
N LYS A 32 39.99 -5.40 16.84
CA LYS A 32 40.21 -4.67 15.58
C LYS A 32 38.91 -3.94 15.19
N ARG A 33 38.97 -2.98 14.28
CA ARG A 33 37.78 -2.24 13.85
C ARG A 33 37.64 -2.23 12.32
N TYR A 34 36.40 -2.29 11.85
CA TYR A 34 36.13 -2.33 10.42
C TYR A 34 35.10 -1.29 9.99
N ILE A 35 35.04 -1.04 8.69
CA ILE A 35 34.09 -0.09 8.14
C ILE A 35 33.61 -0.58 6.78
N TRP A 36 32.45 -0.07 6.38
CA TRP A 36 31.90 -0.36 5.07
C TRP A 36 32.28 0.81 4.15
N TYR A 37 32.89 0.50 3.01
CA TYR A 37 33.32 1.54 2.06
C TYR A 37 32.94 1.17 0.63
N ASN A 38 32.87 2.16 -0.25
CA ASN A 38 32.58 1.95 -1.68
C ASN A 38 33.84 1.87 -2.51
N PRO A 39 34.14 0.69 -3.06
CA PRO A 39 35.28 0.53 -3.96
C PRO A 39 35.21 1.48 -5.15
N ASP A 40 33.99 1.82 -5.56
CA ASP A 40 33.77 2.78 -6.63
C ASP A 40 32.88 3.86 -6.07
N PRO A 41 33.43 5.07 -5.92
CA PRO A 41 32.73 6.19 -5.29
C PRO A 41 31.49 6.67 -6.03
N LYS A 42 31.25 6.15 -7.23
CA LYS A 42 30.09 6.55 -8.02
C LYS A 42 28.88 5.68 -7.65
N GLU A 43 29.15 4.46 -7.19
CA GLU A 43 28.10 3.52 -6.78
C GLU A 43 27.98 3.49 -5.27
N ARG A 44 27.21 4.42 -4.71
CA ARG A 44 27.07 4.59 -3.26
C ARG A 44 26.47 3.41 -2.48
N ASP A 45 25.95 2.40 -3.16
CA ASP A 45 25.26 1.30 -2.49
C ASP A 45 26.00 -0.03 -2.56
N SER A 46 27.12 -0.06 -3.27
CA SER A 46 27.92 -1.26 -3.36
C SER A 46 29.10 -1.15 -2.39
N TYR A 47 29.01 -1.82 -1.25
CA TYR A 47 30.06 -1.72 -0.24
C TYR A 47 30.88 -2.98 -0.09
N GLU A 48 32.10 -2.82 0.41
CA GLU A 48 32.93 -3.95 0.79
C GLU A 48 33.40 -3.59 2.19
N CYS A 49 33.94 -4.58 2.89
CA CYS A 49 34.39 -4.39 4.26
C CYS A 49 35.89 -4.08 4.27
N GLY A 50 36.25 -2.97 4.90
CA GLY A 50 37.63 -2.53 4.99
C GLY A 50 38.07 -2.46 6.44
N GLU A 51 39.28 -2.94 6.71
CA GLU A 51 39.79 -2.96 8.06
C GLU A 51 40.51 -1.66 8.36
N ILE A 52 40.12 -0.99 9.45
CA ILE A 52 40.79 0.24 9.86
C ILE A 52 42.18 -0.09 10.41
N VAL A 53 43.21 0.60 9.95
CA VAL A 53 44.58 0.32 10.42
C VAL A 53 45.22 1.45 11.24
N SER A 54 44.71 2.67 11.12
CA SER A 54 45.26 3.80 11.86
C SER A 54 44.30 4.96 11.79
N GLU A 55 44.60 6.00 12.56
CA GLU A 55 43.75 7.19 12.57
C GLU A 55 44.46 8.46 13.00
N THR A 56 43.95 9.58 12.50
CA THR A 56 44.31 10.88 13.01
C THR A 56 43.09 11.15 13.89
N SER A 57 42.72 12.41 14.10
CA SER A 57 41.59 12.68 14.97
C SER A 57 40.33 12.97 14.17
N ASP A 58 40.48 13.34 12.90
CA ASP A 58 39.33 13.64 12.07
C ASP A 58 39.18 12.65 10.93
N SER A 59 39.81 11.49 11.03
CA SER A 59 39.77 10.53 9.92
C SER A 59 40.27 9.13 10.29
N PHE A 60 39.95 8.16 9.44
CA PHE A 60 40.40 6.78 9.62
C PHE A 60 41.19 6.39 8.38
N THR A 61 42.09 5.44 8.54
CA THR A 61 42.80 4.88 7.40
C THR A 61 42.50 3.39 7.40
N PHE A 62 41.96 2.88 6.31
CA PHE A 62 41.62 1.46 6.25
C PHE A 62 42.24 0.76 5.05
N LYS A 63 42.36 -0.56 5.14
CA LYS A 63 42.89 -1.36 4.03
C LYS A 63 41.73 -1.96 3.23
N THR A 64 41.68 -1.63 1.95
CA THR A 64 40.64 -2.16 1.07
C THR A 64 40.88 -3.64 0.79
N VAL A 65 39.92 -4.27 0.11
CA VAL A 65 40.06 -5.68 -0.25
C VAL A 65 41.24 -5.88 -1.20
N ASP A 66 41.41 -4.94 -2.13
CA ASP A 66 42.53 -4.97 -3.07
C ASP A 66 43.82 -4.52 -2.37
N GLY A 67 43.85 -4.66 -1.04
CA GLY A 67 45.00 -4.31 -0.24
C GLY A 67 45.56 -2.95 -0.61
N GLN A 68 44.86 -1.90 -0.17
CA GLN A 68 45.30 -0.54 -0.44
C GLN A 68 45.11 0.25 0.84
N ASP A 69 45.37 1.55 0.79
CA ASP A 69 45.21 2.41 1.95
C ASP A 69 44.43 3.65 1.55
N ARG A 70 43.32 3.90 2.23
CA ARG A 70 42.48 5.08 2.00
C ARG A 70 42.18 5.77 3.31
N GLN A 71 41.60 6.96 3.24
CA GLN A 71 41.21 7.69 4.44
C GLN A 71 39.85 8.34 4.24
N VAL A 72 39.13 8.53 5.34
CA VAL A 72 37.81 9.16 5.30
C VAL A 72 37.58 9.83 6.65
N LYS A 73 36.76 10.88 6.68
CA LYS A 73 36.48 11.58 7.91
C LYS A 73 35.74 10.69 8.91
N LYS A 74 35.76 11.06 10.19
CA LYS A 74 35.10 10.28 11.23
C LYS A 74 33.57 10.31 11.10
N ASP A 75 32.98 11.50 10.97
CA ASP A 75 31.54 11.64 10.80
C ASP A 75 31.09 11.44 9.34
N ASP A 76 31.79 10.57 8.63
CA ASP A 76 31.47 10.18 7.27
C ASP A 76 31.61 8.67 7.15
N ALA A 77 32.26 8.10 8.15
CA ALA A 77 32.62 6.70 8.15
C ALA A 77 31.45 5.81 8.48
N ASN A 78 31.30 4.75 7.70
CA ASN A 78 30.27 3.77 7.95
C ASN A 78 30.88 2.59 8.68
N GLN A 79 30.96 2.73 10.00
CA GLN A 79 31.54 1.69 10.84
C GLN A 79 30.68 0.43 10.83
N ARG A 80 31.34 -0.72 10.77
CA ARG A 80 30.67 -2.00 10.79
C ARG A 80 30.47 -2.45 12.24
N ASN A 81 29.28 -2.94 12.54
CA ASN A 81 28.98 -3.43 13.87
C ASN A 81 29.77 -4.69 14.14
N PRO A 82 30.06 -4.98 15.41
CA PRO A 82 30.75 -6.21 15.77
C PRO A 82 30.00 -7.41 15.22
N ILE A 83 30.74 -8.37 14.70
CA ILE A 83 30.18 -9.52 14.01
C ILE A 83 29.12 -10.25 14.82
N LYS A 84 29.23 -10.22 16.14
CA LYS A 84 28.26 -10.88 17.01
C LYS A 84 26.83 -10.37 16.74
N PHE A 85 26.71 -9.14 16.27
CA PHE A 85 25.40 -8.54 15.97
C PHE A 85 24.85 -8.97 14.61
N ASP A 86 25.61 -9.71 13.82
CA ASP A 86 25.14 -10.09 12.51
C ASP A 86 24.00 -11.11 12.58
N GLY A 87 22.79 -10.60 12.36
CA GLY A 87 21.60 -11.42 12.35
C GLY A 87 20.70 -11.09 13.52
N VAL A 88 21.00 -9.99 14.21
CA VAL A 88 20.20 -9.60 15.34
C VAL A 88 18.73 -9.40 14.91
N GLU A 89 17.80 -9.75 15.78
CA GLU A 89 16.37 -9.70 15.47
C GLU A 89 15.76 -8.30 15.51
N ASP A 90 16.39 -7.38 16.22
CA ASP A 90 15.89 -6.00 16.27
C ASP A 90 17.06 -5.08 16.01
N MET A 91 16.97 -4.29 14.96
CA MET A 91 18.08 -3.44 14.61
C MET A 91 18.33 -2.30 15.61
N SER A 92 17.43 -2.15 16.57
CA SER A 92 17.61 -1.19 17.65
C SER A 92 18.82 -1.54 18.48
N GLU A 93 19.26 -2.79 18.39
CA GLU A 93 20.41 -3.27 19.13
C GLU A 93 21.73 -2.89 18.47
N LEU A 94 21.71 -2.42 17.23
CA LEU A 94 22.95 -2.11 16.53
C LEU A 94 23.63 -0.86 17.08
N SER A 95 24.94 -0.91 17.27
CA SER A 95 25.68 0.28 17.70
C SER A 95 25.65 1.30 16.58
N TYR A 96 25.92 0.84 15.37
CA TYR A 96 25.93 1.72 14.21
C TYR A 96 24.68 1.47 13.37
N LEU A 97 24.07 2.55 12.89
CA LEU A 97 22.85 2.44 12.10
C LEU A 97 22.98 3.08 10.72
N ASN A 98 24.20 3.11 10.20
CA ASN A 98 24.43 3.68 8.89
C ASN A 98 23.78 2.78 7.82
N GLU A 99 23.66 3.29 6.60
CA GLU A 99 22.98 2.55 5.56
C GLU A 99 23.54 1.15 5.37
N PRO A 100 24.82 1.02 5.06
CA PRO A 100 25.42 -0.30 4.83
C PRO A 100 25.23 -1.27 6.01
N ALA A 101 25.27 -0.74 7.23
CA ALA A 101 25.09 -1.56 8.42
C ALA A 101 23.70 -2.15 8.52
N VAL A 102 22.70 -1.33 8.21
CA VAL A 102 21.33 -1.76 8.33
C VAL A 102 21.08 -2.79 7.25
N PHE A 103 21.50 -2.47 6.04
CA PHE A 103 21.36 -3.39 4.94
C PHE A 103 22.07 -4.71 5.23
N HIS A 104 23.27 -4.62 5.81
CA HIS A 104 24.06 -5.81 6.15
C HIS A 104 23.29 -6.76 7.07
N ASN A 105 22.67 -6.23 8.11
CA ASN A 105 21.90 -7.07 9.01
C ASN A 105 20.71 -7.70 8.31
N LEU A 106 20.01 -6.91 7.49
CA LEU A 106 18.90 -7.46 6.72
C LEU A 106 19.38 -8.56 5.80
N ARG A 107 20.57 -8.37 5.25
CA ARG A 107 21.08 -9.33 4.28
C ARG A 107 21.54 -10.63 4.97
N VAL A 108 22.20 -10.51 6.10
CA VAL A 108 22.64 -11.69 6.83
C VAL A 108 21.41 -12.53 7.18
N ARG A 109 20.34 -11.87 7.63
CA ARG A 109 19.11 -12.58 7.95
C ARG A 109 18.50 -13.18 6.70
N TYR A 110 18.45 -12.41 5.62
CA TYR A 110 17.86 -12.88 4.38
C TYR A 110 18.61 -14.09 3.82
N ASN A 111 19.94 -14.11 3.97
CA ASN A 111 20.75 -15.23 3.50
C ASN A 111 20.27 -16.54 4.19
N GLN A 112 19.71 -16.40 5.39
CA GLN A 112 19.23 -17.54 6.17
C GLN A 112 17.71 -17.74 6.05
N ASP A 113 17.13 -17.11 5.03
CA ASP A 113 15.68 -17.17 4.78
C ASP A 113 14.90 -16.59 5.97
N LEU A 114 15.55 -15.66 6.68
CA LEU A 114 14.90 -14.95 7.79
C LEU A 114 14.45 -13.61 7.20
N ILE A 115 13.21 -13.59 6.77
CA ILE A 115 12.66 -12.45 6.06
C ILE A 115 12.07 -11.36 6.95
N TYR A 116 11.85 -11.68 8.21
CA TYR A 116 11.30 -10.70 9.16
C TYR A 116 12.38 -10.17 10.09
N THR A 117 12.40 -8.85 10.28
CA THR A 117 13.32 -8.24 11.20
C THR A 117 12.69 -7.00 11.80
N TYR A 118 12.86 -6.79 13.10
CA TYR A 118 12.37 -5.55 13.70
C TYR A 118 13.38 -4.42 13.53
N SER A 119 12.88 -3.19 13.49
CA SER A 119 13.71 -2.01 13.49
C SER A 119 12.95 -0.98 14.32
N GLY A 120 13.13 -1.02 15.63
CA GLY A 120 12.36 -0.16 16.51
C GLY A 120 10.89 -0.58 16.42
N LEU A 121 10.02 0.38 16.12
CA LEU A 121 8.60 0.08 16.02
C LEU A 121 8.28 -0.74 14.77
N PHE A 122 9.10 -0.63 13.74
CA PHE A 122 8.81 -1.34 12.49
C PHE A 122 9.09 -2.83 12.49
N LEU A 123 8.18 -3.55 11.84
CA LEU A 123 8.47 -4.89 11.39
C LEU A 123 8.87 -4.76 9.91
N VAL A 124 10.11 -5.12 9.59
CA VAL A 124 10.57 -5.14 8.22
C VAL A 124 10.40 -6.53 7.64
N ALA A 125 9.75 -6.61 6.49
CA ALA A 125 9.51 -7.88 5.84
C ALA A 125 10.05 -7.86 4.43
N VAL A 126 11.04 -8.71 4.15
CA VAL A 126 11.64 -8.78 2.82
C VAL A 126 11.10 -9.96 2.04
N ASN A 127 10.44 -9.71 0.90
CA ASN A 127 9.84 -10.75 0.08
C ASN A 127 10.86 -11.83 -0.27
N PRO A 128 10.59 -13.07 0.07
CA PRO A 128 11.51 -14.18 -0.28
C PRO A 128 11.40 -14.68 -1.74
N PHE A 129 10.27 -14.40 -2.38
CA PHE A 129 9.95 -14.92 -3.71
C PHE A 129 10.14 -16.43 -3.81
N LYS A 130 9.85 -17.13 -2.70
CA LYS A 130 9.77 -18.58 -2.65
C LYS A 130 8.97 -18.95 -1.42
N ARG A 131 8.49 -20.18 -1.37
CA ARG A 131 7.72 -20.61 -0.21
C ARG A 131 8.62 -20.87 0.97
N ILE A 132 8.22 -20.38 2.13
CA ILE A 132 8.91 -20.63 3.38
C ILE A 132 7.83 -21.13 4.32
N PRO A 133 8.03 -22.30 4.93
CA PRO A 133 7.00 -22.95 5.74
C PRO A 133 6.83 -22.41 7.16
N ILE A 134 6.51 -21.12 7.27
CA ILE A 134 6.36 -20.50 8.58
C ILE A 134 4.95 -19.98 8.84
N TYR A 135 4.00 -20.40 8.03
CA TYR A 135 2.62 -19.94 8.17
C TYR A 135 1.60 -21.07 8.43
N THR A 136 2.08 -22.23 8.88
CA THR A 136 1.18 -23.33 9.19
C THR A 136 0.43 -23.10 10.51
N GLN A 137 -0.54 -23.95 10.80
CA GLN A 137 -1.26 -23.83 12.07
C GLN A 137 -0.27 -23.97 13.25
N GLU A 138 0.68 -24.88 13.12
CA GLU A 138 1.67 -25.07 14.17
C GLU A 138 2.48 -23.80 14.44
N MET A 139 2.75 -23.05 13.39
CA MET A 139 3.48 -21.81 13.52
C MET A 139 2.57 -20.81 14.24
N VAL A 140 1.30 -20.80 13.86
CA VAL A 140 0.32 -19.93 14.47
C VAL A 140 0.27 -20.16 15.99
N ASP A 141 0.09 -21.42 16.38
CA ASP A 141 0.00 -21.78 17.80
C ASP A 141 1.18 -21.30 18.63
N ILE A 142 2.36 -21.30 18.04
CA ILE A 142 3.57 -20.86 18.75
C ILE A 142 3.51 -19.41 19.20
N PHE A 143 2.93 -18.55 18.38
CA PHE A 143 2.93 -17.14 18.68
C PHE A 143 1.84 -16.70 19.68
N LYS A 144 0.83 -17.53 19.88
CA LYS A 144 -0.24 -17.18 20.81
C LYS A 144 0.32 -16.63 22.11
N GLY A 145 -0.08 -15.44 22.51
CA GLY A 145 0.29 -14.92 23.81
C GLY A 145 1.74 -14.59 24.07
N ARG A 146 2.60 -14.69 23.07
CA ARG A 146 4.00 -14.37 23.31
C ARG A 146 4.36 -12.92 23.00
N ARG A 147 5.11 -12.31 23.90
CA ARG A 147 5.57 -10.95 23.74
C ARG A 147 6.56 -10.86 22.60
N ARG A 148 6.64 -9.70 21.99
CA ARG A 148 7.53 -9.47 20.87
C ARG A 148 8.97 -9.94 21.12
N ASN A 149 9.47 -9.67 22.32
CA ASN A 149 10.84 -10.01 22.67
C ASN A 149 10.98 -11.43 23.21
N GLU A 150 9.92 -12.23 23.13
CA GLU A 150 9.94 -13.63 23.57
C GLU A 150 9.97 -14.61 22.38
N VAL A 151 9.66 -14.12 21.18
CA VAL A 151 9.67 -14.97 19.99
C VAL A 151 10.30 -14.21 18.87
N ALA A 152 10.60 -14.95 17.81
CA ALA A 152 11.26 -14.40 16.65
C ALA A 152 10.37 -13.42 15.92
N PRO A 153 10.95 -12.52 15.16
CA PRO A 153 10.16 -11.62 14.32
C PRO A 153 9.28 -12.40 13.35
N HIS A 154 8.04 -11.93 13.19
CA HIS A 154 7.07 -12.58 12.34
C HIS A 154 5.82 -11.71 12.27
N ILE A 155 5.15 -11.72 11.12
CA ILE A 155 3.87 -11.04 10.97
C ILE A 155 2.85 -11.53 12.04
N PHE A 156 2.94 -12.80 12.44
CA PHE A 156 2.08 -13.37 13.47
C PHE A 156 2.35 -12.75 14.84
N ALA A 157 3.61 -12.39 15.13
CA ALA A 157 3.97 -11.79 16.42
C ALA A 157 3.39 -10.38 16.54
N ILE A 158 3.52 -9.56 15.50
CA ILE A 158 2.91 -8.23 15.53
C ILE A 158 1.37 -8.35 15.63
N SER A 159 0.81 -9.32 14.93
CA SER A 159 -0.61 -9.59 15.00
C SER A 159 -1.02 -9.93 16.43
N ASP A 160 -0.27 -10.84 17.05
CA ASP A 160 -0.58 -11.23 18.41
C ASP A 160 -0.45 -10.05 19.38
N VAL A 161 0.61 -9.25 19.24
CA VAL A 161 0.87 -8.12 20.12
C VAL A 161 -0.29 -7.14 20.04
N ALA A 162 -0.79 -6.94 18.83
CA ALA A 162 -1.93 -6.07 18.63
C ALA A 162 -3.18 -6.61 19.33
N TYR A 163 -3.44 -7.89 19.15
CA TYR A 163 -4.58 -8.57 19.76
C TYR A 163 -4.54 -8.48 21.28
N ARG A 164 -3.38 -8.68 21.87
CA ARG A 164 -3.24 -8.63 23.34
C ARG A 164 -3.42 -7.19 23.82
N SER A 165 -2.90 -6.24 23.05
CA SER A 165 -3.06 -4.84 23.39
C SER A 165 -4.54 -4.47 23.36
N MET A 166 -5.27 -4.99 22.38
CA MET A 166 -6.69 -4.74 22.27
C MET A 166 -7.37 -5.24 23.56
N LEU A 167 -7.10 -6.49 23.91
CA LEU A 167 -7.71 -7.11 25.09
C LEU A 167 -7.25 -6.50 26.42
N ASP A 168 -5.97 -6.16 26.52
CA ASP A 168 -5.45 -5.61 27.76
C ASP A 168 -5.76 -4.12 27.92
N ASP A 169 -5.66 -3.34 26.85
CA ASP A 169 -5.84 -1.89 26.98
C ASP A 169 -7.26 -1.47 26.66
N ARG A 170 -8.06 -2.38 26.12
CA ARG A 170 -9.41 -2.04 25.71
C ARG A 170 -9.32 -0.86 24.73
N GLN A 171 -8.52 -1.05 23.69
CA GLN A 171 -8.26 0.01 22.72
C GLN A 171 -8.19 -0.59 21.32
N ASN A 172 -8.72 0.13 20.35
CA ASN A 172 -8.72 -0.34 18.98
C ASN A 172 -7.29 -0.32 18.43
N GLN A 173 -6.98 -1.18 17.47
CA GLN A 173 -5.62 -1.26 16.96
C GLN A 173 -5.60 -1.10 15.45
N SER A 174 -4.43 -0.74 14.91
CA SER A 174 -4.27 -0.73 13.46
C SER A 174 -2.90 -1.31 13.08
N LEU A 175 -2.83 -1.93 11.91
CA LEU A 175 -1.58 -2.43 11.37
C LEU A 175 -1.50 -1.80 9.99
N LEU A 176 -0.47 -1.02 9.75
CA LEU A 176 -0.30 -0.34 8.48
C LEU A 176 0.80 -1.08 7.72
N ILE A 177 0.43 -1.70 6.62
CA ILE A 177 1.35 -2.50 5.83
C ILE A 177 1.55 -1.81 4.49
N THR A 178 2.74 -1.25 4.28
CA THR A 178 3.05 -0.50 3.07
C THR A 178 4.36 -0.96 2.43
N GLY A 179 4.65 -0.39 1.27
CA GLY A 179 5.82 -0.75 0.48
C GLY A 179 5.45 -0.75 -0.99
N GLU A 180 6.43 -0.90 -1.87
CA GLU A 180 6.12 -0.86 -3.32
C GLU A 180 5.41 -2.11 -3.88
N SER A 181 4.99 -2.01 -5.12
CA SER A 181 4.31 -3.12 -5.76
C SER A 181 5.21 -4.37 -5.83
N GLY A 182 4.65 -5.51 -5.44
CA GLY A 182 5.38 -6.77 -5.39
C GLY A 182 6.16 -7.00 -4.11
N ALA A 183 6.14 -6.06 -3.16
CA ALA A 183 6.94 -6.18 -1.94
C ALA A 183 6.41 -7.22 -0.95
N GLY A 184 5.12 -7.52 -0.97
CA GLY A 184 4.55 -8.51 -0.05
C GLY A 184 3.43 -8.04 0.88
N LYS A 185 2.90 -6.85 0.62
CA LYS A 185 1.87 -6.26 1.47
C LYS A 185 0.65 -7.15 1.59
N THR A 186 0.16 -7.59 0.45
CA THR A 186 -1.07 -8.34 0.44
C THR A 186 -0.87 -9.72 1.08
N GLU A 187 0.23 -10.38 0.79
CA GLU A 187 0.49 -11.70 1.42
C GLU A 187 0.52 -11.54 2.94
N ASN A 188 1.20 -10.51 3.42
CA ASN A 188 1.29 -10.28 4.88
C ASN A 188 -0.08 -9.89 5.47
N THR A 189 -0.84 -9.08 4.75
CA THR A 189 -2.21 -8.76 5.17
C THR A 189 -3.03 -10.05 5.36
N LYS A 190 -2.97 -10.96 4.38
CA LYS A 190 -3.67 -12.23 4.45
C LYS A 190 -3.22 -13.06 5.66
N LYS A 191 -1.94 -12.99 6.01
CA LYS A 191 -1.43 -13.70 7.20
C LYS A 191 -2.01 -13.12 8.49
N VAL A 192 -2.07 -11.79 8.56
CA VAL A 192 -2.68 -11.13 9.72
C VAL A 192 -4.12 -11.66 9.89
N ILE A 193 -4.89 -11.67 8.81
CA ILE A 193 -6.28 -12.10 8.89
C ILE A 193 -6.37 -13.58 9.31
N GLN A 194 -5.49 -14.41 8.75
CA GLN A 194 -5.43 -15.83 9.10
C GLN A 194 -5.18 -16.01 10.57
N TYR A 195 -4.19 -15.27 11.08
CA TYR A 195 -3.80 -15.34 12.46
C TYR A 195 -4.95 -14.95 13.39
N LEU A 196 -5.59 -13.81 13.13
CA LEU A 196 -6.69 -13.30 13.97
C LEU A 196 -7.84 -14.32 13.92
N ALA A 197 -8.13 -14.80 12.71
CA ALA A 197 -9.18 -15.79 12.51
C ALA A 197 -8.97 -17.02 13.40
N SER A 198 -7.71 -17.43 13.53
CA SER A 198 -7.38 -18.61 14.30
C SER A 198 -7.40 -18.33 15.80
N VAL A 199 -6.71 -17.28 16.25
CA VAL A 199 -6.59 -17.07 17.68
C VAL A 199 -7.87 -16.51 18.29
N ALA A 200 -8.70 -15.86 17.48
CA ALA A 200 -9.94 -15.26 18.00
C ALA A 200 -11.24 -15.86 17.43
N GLY A 201 -11.13 -16.95 16.68
CA GLY A 201 -12.29 -17.54 15.99
C GLY A 201 -13.07 -18.57 16.78
N ARG A 202 -14.00 -19.26 16.11
CA ARG A 202 -14.89 -20.26 16.71
C ARG A 202 -14.31 -21.67 16.64
N GLY A 209 -16.07 -22.13 11.90
CA GLY A 209 -17.04 -21.06 12.08
C GLY A 209 -17.43 -20.46 10.75
N VAL A 210 -18.74 -20.25 10.56
CA VAL A 210 -19.25 -19.71 9.31
C VAL A 210 -18.69 -18.29 9.06
N LEU A 211 -18.79 -17.43 10.06
CA LEU A 211 -18.32 -16.05 9.95
C LEU A 211 -16.83 -15.96 9.60
N GLU A 212 -15.99 -16.65 10.37
CA GLU A 212 -14.56 -16.66 10.13
C GLU A 212 -14.29 -17.02 8.66
N GLN A 213 -15.05 -18.00 8.16
CA GLN A 213 -14.86 -18.51 6.81
C GLN A 213 -15.35 -17.51 5.76
N GLN A 214 -16.44 -16.83 6.06
CA GLN A 214 -16.93 -15.80 5.17
C GLN A 214 -15.91 -14.65 5.09
N ILE A 215 -15.26 -14.34 6.22
CA ILE A 215 -14.28 -13.27 6.27
C ILE A 215 -13.10 -13.63 5.38
N LEU A 216 -12.64 -14.87 5.50
CA LEU A 216 -11.51 -15.33 4.71
C LEU A 216 -11.84 -15.40 3.24
N GLN A 217 -13.08 -15.69 2.91
CA GLN A 217 -13.45 -15.85 1.53
C GLN A 217 -13.73 -14.52 0.83
N ALA A 218 -13.82 -13.45 1.58
CA ALA A 218 -14.01 -12.14 0.97
C ALA A 218 -12.81 -11.82 0.08
N ASN A 219 -11.64 -12.27 0.51
CA ASN A 219 -10.40 -11.93 -0.17
C ASN A 219 -10.33 -12.36 -1.62
N PRO A 220 -10.48 -13.65 -1.86
CA PRO A 220 -10.53 -14.18 -3.21
C PRO A 220 -11.51 -13.44 -4.08
N ILE A 221 -12.64 -13.02 -3.53
CA ILE A 221 -13.59 -12.31 -4.35
C ILE A 221 -13.00 -10.98 -4.81
N LEU A 222 -12.49 -10.20 -3.86
CA LEU A 222 -11.96 -8.89 -4.18
C LEU A 222 -10.75 -8.98 -5.10
N GLU A 223 -9.91 -10.00 -4.88
CA GLU A 223 -8.73 -10.15 -5.72
C GLU A 223 -9.05 -10.56 -7.15
N ALA A 224 -10.13 -11.31 -7.35
CA ALA A 224 -10.52 -11.68 -8.72
C ALA A 224 -10.94 -10.43 -9.53
N PHE A 225 -11.60 -9.48 -8.87
CA PHE A 225 -12.08 -8.28 -9.55
C PHE A 225 -11.15 -7.07 -9.41
N GLY A 226 -10.23 -7.11 -8.44
CA GLY A 226 -9.38 -5.97 -8.15
C GLY A 226 -7.88 -6.15 -8.37
N ASN A 227 -7.46 -7.37 -8.68
CA ASN A 227 -6.05 -7.65 -8.89
C ASN A 227 -5.79 -8.05 -10.35
N ALA A 228 -4.55 -7.86 -10.78
CA ALA A 228 -4.14 -8.15 -12.15
C ALA A 228 -2.64 -8.34 -12.26
N LYS A 229 -2.22 -9.06 -13.29
CA LYS A 229 -0.80 -9.18 -13.58
C LYS A 229 -0.27 -7.88 -14.15
N THR A 230 0.73 -7.32 -13.50
CA THR A 230 1.43 -6.16 -14.02
C THR A 230 2.85 -6.65 -14.23
N THR A 231 3.73 -5.77 -14.69
CA THR A 231 5.13 -6.15 -14.86
C THR A 231 5.84 -6.34 -13.52
N ARG A 232 5.29 -5.80 -12.45
CA ARG A 232 5.92 -5.89 -11.12
C ARG A 232 5.38 -7.00 -10.21
N ASN A 233 4.20 -7.52 -10.53
CA ASN A 233 3.56 -8.48 -9.67
C ASN A 233 2.50 -9.22 -10.46
N ASN A 234 2.57 -10.55 -10.44
CA ASN A 234 1.59 -11.38 -11.12
C ASN A 234 0.20 -11.25 -10.50
N ASN A 235 0.16 -10.83 -9.24
CA ASN A 235 -1.11 -10.67 -8.50
C ASN A 235 -1.19 -9.28 -7.85
N SER A 236 -0.94 -8.23 -8.64
CA SER A 236 -0.93 -6.86 -8.12
C SER A 236 -2.30 -6.40 -7.68
N SER A 237 -2.35 -5.75 -6.53
CA SER A 237 -3.58 -5.14 -6.04
C SER A 237 -3.73 -3.83 -6.80
N ARG A 238 -4.83 -3.67 -7.52
CA ARG A 238 -5.06 -2.43 -8.29
C ARG A 238 -6.03 -1.50 -7.55
N PHE A 239 -6.16 -1.73 -6.25
CA PHE A 239 -6.99 -0.89 -5.38
C PHE A 239 -6.35 -0.99 -4.03
N GLY A 240 -6.57 0.02 -3.21
CA GLY A 240 -6.12 0.00 -1.82
C GLY A 240 -7.26 -0.47 -0.92
N LYS A 241 -6.91 -0.96 0.27
CA LYS A 241 -7.93 -1.41 1.19
C LYS A 241 -7.60 -1.22 2.67
N PHE A 242 -8.66 -1.02 3.45
CA PHE A 242 -8.58 -0.96 4.90
C PHE A 242 -9.61 -1.97 5.40
N ILE A 243 -9.12 -2.99 6.08
CA ILE A 243 -9.97 -4.08 6.53
C ILE A 243 -10.11 -3.98 8.04
N GLU A 244 -11.34 -3.86 8.51
CA GLU A 244 -11.62 -3.78 9.93
C GLU A 244 -12.07 -5.15 10.39
N ILE A 245 -11.25 -5.81 11.19
CA ILE A 245 -11.66 -7.05 11.83
C ILE A 245 -12.26 -6.64 13.18
N GLN A 246 -13.52 -7.03 13.37
CA GLN A 246 -14.29 -6.64 14.56
C GLN A 246 -14.36 -7.74 15.60
N PHE A 247 -14.36 -7.34 16.87
CA PHE A 247 -14.37 -8.26 18.01
C PHE A 247 -15.42 -7.85 19.07
N ASN A 248 -15.97 -8.84 19.79
CA ASN A 248 -16.88 -8.52 20.87
C ASN A 248 -15.99 -8.30 22.08
N SER A 249 -16.57 -7.95 23.23
CA SER A 249 -15.73 -7.60 24.37
C SER A 249 -15.01 -8.79 24.95
N ALA A 250 -15.47 -9.99 24.61
CA ALA A 250 -14.79 -11.19 25.06
C ALA A 250 -13.57 -11.47 24.20
N GLY A 251 -13.42 -10.73 23.10
CA GLY A 251 -12.24 -10.94 22.24
C GLY A 251 -12.42 -11.97 21.13
N PHE A 252 -13.66 -12.30 20.80
CA PHE A 252 -13.94 -13.20 19.70
C PHE A 252 -14.33 -12.37 18.49
N ILE A 253 -13.97 -12.86 17.30
CA ILE A 253 -14.32 -12.17 16.07
C ILE A 253 -15.83 -12.11 15.96
N SER A 254 -16.33 -10.91 15.71
CA SER A 254 -17.78 -10.69 15.62
C SER A 254 -18.20 -10.15 14.27
N GLY A 255 -17.24 -9.73 13.45
CA GLY A 255 -17.55 -9.16 12.17
C GLY A 255 -16.32 -8.67 11.45
N ALA A 256 -16.54 -8.11 10.27
CA ALA A 256 -15.50 -7.43 9.52
C ALA A 256 -16.15 -6.43 8.58
N SER A 257 -15.34 -5.47 8.13
CA SER A 257 -15.77 -4.46 7.19
C SER A 257 -14.58 -4.12 6.31
N ILE A 258 -14.85 -3.83 5.04
CA ILE A 258 -13.81 -3.48 4.09
C ILE A 258 -14.11 -2.16 3.42
N GLN A 259 -13.12 -1.29 3.37
CA GLN A 259 -13.17 -0.04 2.62
C GLN A 259 -12.14 -0.15 1.49
N SER A 260 -12.57 0.12 0.26
CA SER A 260 -11.67 0.09 -0.88
C SER A 260 -11.35 1.50 -1.40
N TYR A 261 -10.16 1.67 -1.97
CA TYR A 261 -9.70 2.95 -2.53
C TYR A 261 -9.01 2.85 -3.90
N LEU A 262 -9.23 3.89 -4.70
CA LEU A 262 -8.49 4.13 -5.92
C LEU A 262 -8.35 2.93 -6.85
N LEU A 263 -9.47 2.35 -7.24
CA LEU A 263 -9.47 1.22 -8.14
C LEU A 263 -8.97 1.69 -9.52
N GLU A 264 -8.06 0.93 -10.13
CA GLU A 264 -7.53 1.31 -11.44
C GLU A 264 -8.51 0.97 -12.57
N LYS A 265 -9.52 1.81 -12.75
CA LYS A 265 -10.58 1.50 -13.69
C LYS A 265 -10.08 1.50 -15.14
N SER A 266 -9.06 2.30 -15.41
CA SER A 266 -8.48 2.37 -16.75
C SER A 266 -7.93 1.03 -17.25
N ARG A 267 -7.56 0.12 -16.34
CA ARG A 267 -6.99 -1.17 -16.72
C ARG A 267 -8.01 -2.00 -17.51
N VAL A 268 -9.28 -1.76 -17.24
CA VAL A 268 -10.32 -2.52 -17.91
C VAL A 268 -10.25 -2.30 -19.43
N VAL A 269 -9.84 -1.10 -19.84
CA VAL A 269 -9.86 -0.75 -21.26
C VAL A 269 -8.51 -0.67 -21.94
N PHE A 270 -7.45 -0.70 -21.14
CA PHE A 270 -6.10 -0.67 -21.68
C PHE A 270 -5.13 -1.37 -20.76
N GLN A 271 -4.21 -2.14 -21.31
CA GLN A 271 -3.17 -2.78 -20.51
C GLN A 271 -1.83 -2.68 -21.23
N SER A 272 -0.76 -2.38 -20.49
CA SER A 272 0.59 -2.31 -21.07
C SER A 272 1.07 -3.67 -21.54
N GLU A 273 2.08 -3.68 -22.40
CA GLU A 273 2.61 -4.95 -22.93
C GLU A 273 2.99 -5.90 -21.80
N THR A 274 2.61 -7.17 -21.97
CA THR A 274 2.88 -8.27 -21.03
C THR A 274 1.99 -8.26 -19.79
N GLU A 275 1.25 -7.18 -19.55
CA GLU A 275 0.35 -7.13 -18.41
C GLU A 275 -0.99 -7.75 -18.77
N ARG A 276 -1.83 -7.98 -17.77
CA ARG A 276 -3.18 -8.48 -18.00
C ARG A 276 -4.22 -7.52 -17.44
N ASN A 277 -5.45 -7.74 -17.89
CA ASN A 277 -6.62 -7.05 -17.38
C ASN A 277 -6.87 -7.73 -16.04
N TYR A 278 -7.93 -7.34 -15.34
CA TYR A 278 -8.23 -7.97 -14.07
C TYR A 278 -8.40 -9.49 -14.23
N HIS A 279 -8.08 -10.24 -13.17
CA HIS A 279 -8.13 -11.70 -13.20
C HIS A 279 -9.46 -12.28 -13.65
N ILE A 280 -10.55 -11.69 -13.17
CA ILE A 280 -11.90 -12.21 -13.41
C ILE A 280 -12.22 -12.44 -14.89
N PHE A 281 -11.74 -11.57 -15.76
CA PHE A 281 -12.02 -11.70 -17.19
C PHE A 281 -11.48 -13.05 -17.73
N TYR A 282 -10.30 -13.43 -17.28
CA TYR A 282 -9.66 -14.66 -17.71
C TYR A 282 -10.26 -15.83 -16.98
N GLN A 283 -10.70 -15.64 -15.74
CA GLN A 283 -11.34 -16.71 -15.01
C GLN A 283 -12.64 -17.11 -15.69
N LEU A 284 -13.45 -16.11 -16.03
CA LEU A 284 -14.73 -16.32 -16.69
C LEU A 284 -14.59 -17.05 -18.04
N LEU A 285 -13.74 -16.54 -18.94
CA LEU A 285 -13.62 -17.14 -20.26
C LEU A 285 -13.04 -18.55 -20.24
N ALA A 286 -12.25 -18.86 -19.20
CA ALA A 286 -11.63 -20.18 -19.10
C ALA A 286 -12.44 -21.15 -18.25
N GLY A 287 -13.24 -20.62 -17.33
CA GLY A 287 -13.98 -21.46 -16.40
C GLY A 287 -15.47 -21.57 -16.65
N ALA A 288 -16.00 -20.76 -17.56
CA ALA A 288 -17.42 -20.85 -17.86
C ALA A 288 -17.75 -22.21 -18.49
N THR A 289 -18.95 -22.70 -18.23
CA THR A 289 -19.40 -23.95 -18.84
C THR A 289 -19.90 -23.67 -20.24
N ALA A 290 -20.22 -24.73 -20.96
CA ALA A 290 -20.75 -24.59 -22.32
C ALA A 290 -22.00 -23.71 -22.32
N GLU A 291 -22.91 -23.97 -21.37
CA GLU A 291 -24.16 -23.22 -21.28
C GLU A 291 -23.88 -21.73 -21.12
N GLU A 292 -23.14 -21.39 -20.08
CA GLU A 292 -22.79 -20.00 -19.84
C GLU A 292 -22.11 -19.36 -21.05
N LYS A 293 -21.12 -20.04 -21.64
CA LYS A 293 -20.36 -19.52 -22.78
C LYS A 293 -21.23 -19.04 -23.93
N LYS A 294 -22.15 -19.88 -24.37
CA LYS A 294 -23.05 -19.51 -25.46
C LYS A 294 -24.07 -18.49 -24.97
N ALA A 295 -24.48 -18.63 -23.71
CA ALA A 295 -25.49 -17.74 -23.13
C ALA A 295 -25.00 -16.32 -22.91
N LEU A 296 -23.68 -16.15 -22.78
CA LEU A 296 -23.07 -14.83 -22.58
C LEU A 296 -22.30 -14.40 -23.84
N HIS A 297 -22.43 -15.20 -24.90
CA HIS A 297 -21.75 -14.93 -26.14
C HIS A 297 -20.25 -14.81 -25.95
N LEU A 298 -19.69 -15.70 -25.13
CA LEU A 298 -18.27 -15.67 -24.83
C LEU A 298 -17.45 -16.44 -25.86
N ALA A 299 -16.15 -16.23 -25.81
CA ALA A 299 -15.20 -16.88 -26.70
C ALA A 299 -13.85 -16.83 -25.99
N GLY A 300 -12.77 -17.01 -26.73
CA GLY A 300 -11.44 -16.93 -26.15
C GLY A 300 -11.00 -15.49 -26.00
N PRO A 301 -10.01 -15.26 -25.15
CA PRO A 301 -9.50 -13.91 -24.87
C PRO A 301 -8.99 -13.20 -26.12
N GLU A 302 -8.47 -13.97 -27.07
CA GLU A 302 -7.92 -13.39 -28.30
C GLU A 302 -8.99 -12.69 -29.15
N SER A 303 -10.26 -12.95 -28.86
CA SER A 303 -11.36 -12.34 -29.61
C SER A 303 -11.94 -11.07 -28.97
N PHE A 304 -11.31 -10.59 -27.91
CA PHE A 304 -11.78 -9.37 -27.24
C PHE A 304 -10.69 -8.32 -27.21
N ASN A 305 -10.99 -7.15 -27.77
CA ASN A 305 -10.04 -6.05 -27.77
C ASN A 305 -9.51 -5.69 -26.37
N TYR A 306 -10.37 -5.81 -25.35
CA TYR A 306 -9.99 -5.47 -23.98
C TYR A 306 -9.06 -6.55 -23.37
N LEU A 307 -8.86 -7.65 -24.09
CA LEU A 307 -7.99 -8.74 -23.63
C LEU A 307 -6.95 -9.21 -24.64
N ASN A 308 -6.88 -8.62 -25.82
CA ASN A 308 -5.97 -9.14 -26.83
C ASN A 308 -4.93 -8.16 -27.31
N GLN A 309 -4.66 -7.13 -26.52
CA GLN A 309 -3.69 -6.13 -26.93
C GLN A 309 -2.33 -6.23 -26.25
N SER A 310 -2.27 -6.72 -25.01
CA SER A 310 -1.00 -6.77 -24.29
C SER A 310 -0.07 -7.90 -24.73
N GLY A 311 -0.63 -8.95 -25.33
CA GLY A 311 0.17 -10.10 -25.74
C GLY A 311 0.25 -11.15 -24.65
N CYS A 312 -0.41 -10.90 -23.52
CA CYS A 312 -0.43 -11.85 -22.40
C CYS A 312 -1.86 -12.19 -21.96
N VAL A 313 -2.19 -13.47 -21.97
CA VAL A 313 -3.50 -13.93 -21.54
C VAL A 313 -3.42 -14.95 -20.39
N ASP A 314 -2.21 -15.31 -19.99
CA ASP A 314 -2.00 -16.30 -18.93
C ASP A 314 -0.81 -15.95 -18.03
N ILE A 315 -0.82 -16.49 -16.81
CA ILE A 315 0.23 -16.24 -15.83
C ILE A 315 0.91 -17.56 -15.51
N LYS A 316 2.23 -17.62 -15.61
CA LYS A 316 2.94 -18.89 -15.33
C LYS A 316 2.64 -19.32 -13.91
N GLY A 317 2.07 -20.52 -13.78
CA GLY A 317 1.77 -21.12 -12.49
C GLY A 317 0.34 -20.93 -12.08
N VAL A 318 -0.45 -20.28 -12.93
CA VAL A 318 -1.84 -20.03 -12.61
C VAL A 318 -2.80 -20.64 -13.60
N SER A 319 -3.81 -21.32 -13.07
CA SER A 319 -4.88 -21.88 -13.86
C SER A 319 -6.13 -21.03 -13.66
N ASP A 320 -6.48 -20.25 -14.68
CA ASP A 320 -7.64 -19.38 -14.55
C ASP A 320 -8.92 -20.15 -14.34
N SER A 321 -9.03 -21.35 -14.93
CA SER A 321 -10.24 -22.15 -14.73
C SER A 321 -10.32 -22.61 -13.28
N GLU A 322 -9.21 -23.04 -12.72
CA GLU A 322 -9.24 -23.44 -11.31
C GLU A 322 -9.61 -22.23 -10.45
N GLU A 323 -8.94 -21.10 -10.67
CA GLU A 323 -9.21 -19.90 -9.87
C GLU A 323 -10.68 -19.51 -9.95
N PHE A 324 -11.27 -19.67 -11.13
CA PHE A 324 -12.68 -19.34 -11.30
C PHE A 324 -13.55 -20.18 -10.37
N LYS A 325 -13.18 -21.44 -10.20
CA LYS A 325 -13.90 -22.30 -9.26
C LYS A 325 -13.72 -21.74 -7.85
N ILE A 326 -12.49 -21.33 -7.52
CA ILE A 326 -12.23 -20.76 -6.21
C ILE A 326 -13.10 -19.51 -6.02
N THR A 327 -13.14 -18.65 -7.03
CA THR A 327 -13.94 -17.44 -6.95
C THR A 327 -15.43 -17.72 -6.74
N ARG A 328 -15.96 -18.68 -7.47
CA ARG A 328 -17.38 -19.00 -7.33
C ARG A 328 -17.65 -19.57 -5.94
N GLN A 329 -16.74 -20.43 -5.49
CA GLN A 329 -16.85 -21.02 -4.16
C GLN A 329 -16.89 -19.91 -3.11
N ALA A 330 -16.01 -18.94 -3.22
CA ALA A 330 -16.00 -17.85 -2.26
C ALA A 330 -17.35 -17.11 -2.33
N MET A 331 -17.85 -16.90 -3.53
CA MET A 331 -19.13 -16.22 -3.69
C MET A 331 -20.28 -16.99 -3.00
N ASP A 332 -20.24 -18.31 -3.08
CA ASP A 332 -21.28 -19.11 -2.41
C ASP A 332 -21.16 -18.93 -0.90
N ILE A 333 -19.95 -19.11 -0.37
CA ILE A 333 -19.74 -19.01 1.07
C ILE A 333 -20.20 -17.66 1.63
N VAL A 334 -19.86 -16.57 0.94
CA VAL A 334 -20.27 -15.25 1.38
C VAL A 334 -21.79 -15.08 1.24
N GLY A 335 -22.42 -15.80 0.34
CA GLY A 335 -23.87 -15.71 0.24
C GLY A 335 -24.44 -15.01 -0.98
N PHE A 336 -23.62 -14.84 -2.02
CA PHE A 336 -24.12 -14.26 -3.25
C PHE A 336 -25.06 -15.29 -3.89
N SER A 337 -26.27 -14.86 -4.21
CA SER A 337 -27.25 -15.77 -4.83
C SER A 337 -26.73 -16.22 -6.19
N GLN A 338 -27.29 -17.31 -6.72
CA GLN A 338 -26.89 -17.80 -8.03
C GLN A 338 -27.27 -16.79 -9.09
N GLU A 339 -28.38 -16.09 -8.86
CA GLU A 339 -28.85 -15.08 -9.78
C GLU A 339 -27.89 -13.90 -9.79
N GLU A 340 -27.42 -13.52 -8.59
CA GLU A 340 -26.50 -12.41 -8.43
C GLU A 340 -25.18 -12.77 -9.09
N GLN A 341 -24.74 -14.01 -8.92
CA GLN A 341 -23.49 -14.44 -9.52
C GLN A 341 -23.60 -14.39 -11.03
N MET A 342 -24.77 -14.77 -11.54
CA MET A 342 -24.97 -14.78 -12.98
C MET A 342 -24.91 -13.35 -13.53
N SER A 343 -25.59 -12.43 -12.87
CA SER A 343 -25.60 -11.04 -13.26
C SER A 343 -24.19 -10.43 -13.22
N ILE A 344 -23.43 -10.77 -12.19
CA ILE A 344 -22.05 -10.31 -12.09
C ILE A 344 -21.33 -10.73 -13.37
N PHE A 345 -21.47 -12.00 -13.74
CA PHE A 345 -20.83 -12.51 -14.95
C PHE A 345 -21.42 -11.90 -16.22
N LYS A 346 -22.68 -11.49 -16.17
CA LYS A 346 -23.28 -10.81 -17.30
C LYS A 346 -22.59 -9.45 -17.49
N ILE A 347 -22.30 -8.78 -16.39
CA ILE A 347 -21.67 -7.44 -16.44
C ILE A 347 -20.25 -7.58 -16.99
N ILE A 348 -19.54 -8.60 -16.55
CA ILE A 348 -18.20 -8.84 -17.03
C ILE A 348 -18.19 -9.13 -18.54
N ALA A 349 -19.13 -9.95 -18.98
CA ALA A 349 -19.27 -10.30 -20.39
C ALA A 349 -19.69 -9.10 -21.22
N GLY A 350 -20.64 -8.33 -20.72
CA GLY A 350 -21.10 -7.15 -21.41
C GLY A 350 -19.99 -6.14 -21.64
N ILE A 351 -19.09 -6.01 -20.66
CA ILE A 351 -17.98 -5.08 -20.77
C ILE A 351 -17.09 -5.51 -21.90
N LEU A 352 -16.76 -6.80 -21.95
CA LEU A 352 -15.97 -7.32 -23.05
C LEU A 352 -16.65 -7.02 -24.40
N HIS A 353 -17.97 -7.21 -24.46
CA HIS A 353 -18.69 -6.94 -25.70
C HIS A 353 -18.63 -5.46 -26.06
N LEU A 354 -18.82 -4.58 -25.08
CA LEU A 354 -18.72 -3.15 -25.35
C LEU A 354 -17.35 -2.82 -25.94
N GLY A 355 -16.31 -3.48 -25.44
CA GLY A 355 -14.97 -3.25 -25.93
C GLY A 355 -14.77 -3.61 -27.40
N ASN A 356 -15.61 -4.51 -27.90
CA ASN A 356 -15.51 -4.96 -29.30
C ASN A 356 -16.31 -4.10 -30.27
N ILE A 357 -17.06 -3.13 -29.77
CA ILE A 357 -17.80 -2.24 -30.66
C ILE A 357 -16.81 -1.43 -31.46
N LYS A 358 -16.90 -1.51 -32.78
CA LYS A 358 -16.01 -0.76 -33.64
C LYS A 358 -16.70 0.45 -34.25
N PHE A 359 -16.32 1.65 -33.81
CA PHE A 359 -16.88 2.88 -34.35
C PHE A 359 -16.06 3.22 -35.60
N GLU A 360 -16.73 3.70 -36.63
CA GLU A 360 -16.07 4.10 -37.87
C GLU A 360 -16.57 5.47 -38.32
N LYS A 361 -15.75 6.17 -39.09
CA LYS A 361 -16.14 7.50 -39.55
C LYS A 361 -17.27 7.44 -40.57
N GLY A 362 -18.25 8.33 -40.42
CA GLY A 362 -19.34 8.43 -41.37
C GLY A 362 -19.06 9.44 -42.46
N ALA A 363 -20.13 9.91 -43.10
CA ALA A 363 -20.00 10.88 -44.17
C ALA A 363 -19.42 12.17 -43.62
N GLY A 364 -19.95 12.59 -42.48
CA GLY A 364 -19.50 13.80 -41.84
C GLY A 364 -18.42 13.43 -40.86
N GLU A 365 -18.29 14.23 -39.81
CA GLU A 365 -17.34 13.97 -38.75
C GLU A 365 -17.91 12.94 -37.77
N GLY A 366 -19.22 12.67 -37.86
CA GLY A 366 -19.91 11.78 -36.93
C GLY A 366 -19.63 10.32 -37.15
N ALA A 367 -19.39 9.59 -36.06
CA ALA A 367 -19.11 8.17 -36.12
C ALA A 367 -20.35 7.37 -36.49
N VAL A 368 -20.12 6.17 -37.02
CA VAL A 368 -21.21 5.25 -37.32
C VAL A 368 -20.82 3.84 -36.87
N LEU A 369 -21.84 3.00 -36.67
CA LEU A 369 -21.62 1.62 -36.27
C LEU A 369 -22.21 0.69 -37.34
N LYS A 370 -21.35 0.18 -38.21
CA LYS A 370 -21.78 -0.68 -39.31
C LYS A 370 -22.34 -2.02 -38.84
N ASP A 371 -21.54 -2.77 -38.10
CA ASP A 371 -21.94 -4.09 -37.59
C ASP A 371 -22.43 -3.97 -36.14
N LYS A 372 -23.60 -4.54 -35.89
CA LYS A 372 -24.28 -4.41 -34.60
C LYS A 372 -24.05 -5.59 -33.64
N THR A 373 -23.20 -6.54 -34.02
CA THR A 373 -22.97 -7.75 -33.22
C THR A 373 -22.60 -7.52 -31.75
N ALA A 374 -21.51 -6.80 -31.49
CA ALA A 374 -21.04 -6.55 -30.12
C ALA A 374 -22.02 -5.69 -29.33
N LEU A 375 -22.57 -4.69 -30.00
CA LEU A 375 -23.56 -3.82 -29.41
C LEU A 375 -24.76 -4.64 -28.91
N ASN A 376 -25.20 -5.59 -29.72
CA ASN A 376 -26.37 -6.41 -29.41
C ASN A 376 -26.06 -7.40 -28.30
N ALA A 377 -24.89 -8.03 -28.40
CA ALA A 377 -24.46 -8.96 -27.39
C ALA A 377 -24.36 -8.21 -26.05
N ALA A 378 -23.73 -7.04 -26.06
CA ALA A 378 -23.60 -6.28 -24.81
C ALA A 378 -24.99 -5.94 -24.26
N SER A 379 -25.82 -5.45 -25.17
CA SER A 379 -27.17 -5.04 -24.86
C SER A 379 -28.01 -6.19 -24.38
N THR A 380 -27.76 -7.37 -24.91
CA THR A 380 -28.47 -8.55 -24.45
C THR A 380 -28.08 -8.97 -23.04
N VAL A 381 -26.78 -9.03 -22.77
CA VAL A 381 -26.31 -9.44 -21.45
C VAL A 381 -26.66 -8.40 -20.38
N PHE A 382 -26.50 -7.10 -20.70
CA PHE A 382 -26.78 -6.04 -19.74
C PHE A 382 -28.28 -5.84 -19.54
N GLY A 383 -29.06 -6.31 -20.50
CA GLY A 383 -30.49 -6.14 -20.46
C GLY A 383 -30.90 -4.70 -20.69
N VAL A 384 -30.30 -4.09 -21.70
CA VAL A 384 -30.62 -2.72 -22.10
C VAL A 384 -31.04 -2.69 -23.57
N ASN A 385 -31.65 -1.60 -23.98
CA ASN A 385 -32.10 -1.45 -25.36
C ASN A 385 -30.96 -1.02 -26.27
N PRO A 386 -30.60 -1.86 -27.24
CA PRO A 386 -29.49 -1.56 -28.15
C PRO A 386 -29.65 -0.27 -28.94
N SER A 387 -30.87 0.08 -29.27
CA SER A 387 -31.10 1.31 -30.01
C SER A 387 -30.85 2.50 -29.11
N VAL A 388 -31.29 2.39 -27.86
CA VAL A 388 -31.08 3.44 -26.86
C VAL A 388 -29.59 3.55 -26.51
N LEU A 389 -28.91 2.40 -26.44
CA LEU A 389 -27.49 2.38 -26.15
C LEU A 389 -26.68 2.98 -27.30
N GLU A 390 -27.02 2.62 -28.53
CA GLU A 390 -26.30 3.11 -29.72
C GLU A 390 -26.34 4.63 -29.79
N LYS A 391 -27.53 5.18 -29.56
CA LYS A 391 -27.72 6.62 -29.55
C LYS A 391 -27.00 7.27 -28.36
N ALA A 392 -27.11 6.65 -27.19
CA ALA A 392 -26.45 7.16 -25.98
C ALA A 392 -24.95 7.29 -26.25
N LEU A 393 -24.40 6.33 -26.99
CA LEU A 393 -22.98 6.32 -27.31
C LEU A 393 -22.59 7.33 -28.38
N MET A 394 -23.35 7.34 -29.48
CA MET A 394 -22.97 8.15 -30.61
C MET A 394 -23.71 9.47 -30.72
N GLU A 395 -24.90 9.56 -30.14
CA GLU A 395 -25.65 10.80 -30.28
C GLU A 395 -26.25 11.23 -28.96
N PRO A 396 -25.40 11.47 -27.98
CA PRO A 396 -25.89 11.88 -26.66
C PRO A 396 -26.48 13.25 -26.74
N ARG A 397 -27.52 13.50 -25.95
CA ARG A 397 -28.09 14.83 -25.90
C ARG A 397 -27.37 15.64 -24.83
N ILE A 398 -26.85 16.80 -25.20
CA ILE A 398 -26.18 17.68 -24.24
C ILE A 398 -26.93 18.99 -24.08
N LEU A 399 -26.90 19.53 -22.87
CA LEU A 399 -27.56 20.79 -22.56
C LEU A 399 -26.75 21.97 -23.07
N ALA A 400 -26.93 22.33 -24.33
CA ALA A 400 -26.22 23.47 -24.93
C ALA A 400 -27.05 24.73 -24.84
N GLY A 401 -26.68 25.63 -23.96
CA GLY A 401 -27.47 26.83 -23.75
C GLY A 401 -28.72 26.36 -23.04
N ARG A 402 -29.89 26.71 -23.59
CA ARG A 402 -31.15 26.28 -22.99
C ARG A 402 -31.73 25.05 -23.69
N ASP A 403 -31.14 24.71 -24.83
CA ASP A 403 -31.61 23.59 -25.63
C ASP A 403 -30.91 22.29 -25.26
N LEU A 404 -31.67 21.20 -25.26
CA LEU A 404 -31.11 19.87 -25.05
C LEU A 404 -30.95 19.28 -26.45
N VAL A 405 -29.72 19.22 -26.94
CA VAL A 405 -29.53 18.77 -28.31
C VAL A 405 -28.64 17.53 -28.42
N ALA A 406 -29.08 16.56 -29.22
CA ALA A 406 -28.28 15.37 -29.49
C ALA A 406 -27.08 15.76 -30.31
N GLN A 407 -25.87 15.45 -29.85
CA GLN A 407 -24.68 15.76 -30.62
C GLN A 407 -24.13 14.49 -31.24
N HIS A 408 -23.75 14.55 -32.51
CA HIS A 408 -23.21 13.37 -33.18
C HIS A 408 -21.69 13.35 -33.00
N LEU A 409 -21.22 12.41 -32.17
CA LEU A 409 -19.81 12.34 -31.85
C LEU A 409 -19.02 11.65 -32.95
N ASN A 410 -17.77 12.07 -33.15
CA ASN A 410 -16.86 11.40 -34.08
C ASN A 410 -16.37 10.07 -33.48
N VAL A 411 -15.50 9.37 -34.20
CA VAL A 411 -14.96 8.08 -33.77
C VAL A 411 -14.26 8.18 -32.39
N GLU A 412 -13.36 9.14 -32.26
CA GLU A 412 -12.61 9.38 -31.02
C GLU A 412 -13.55 9.54 -29.83
N LYS A 413 -14.42 10.54 -29.87
CA LYS A 413 -15.33 10.81 -28.77
C LYS A 413 -16.29 9.65 -28.50
N SER A 414 -16.73 8.95 -29.55
CA SER A 414 -17.63 7.82 -29.37
C SER A 414 -16.90 6.72 -28.61
N SER A 415 -15.67 6.44 -29.03
CA SER A 415 -14.84 5.40 -28.40
C SER A 415 -14.54 5.72 -26.92
N SER A 416 -14.19 6.97 -26.66
CA SER A 416 -13.92 7.45 -25.31
C SER A 416 -15.17 7.36 -24.43
N SER A 417 -16.35 7.65 -25.00
CA SER A 417 -17.57 7.60 -24.21
C SER A 417 -17.86 6.16 -23.84
N ARG A 418 -17.70 5.27 -24.83
CA ARG A 418 -17.85 3.84 -24.60
C ARG A 418 -16.91 3.37 -23.48
N ASP A 419 -15.66 3.81 -23.52
CA ASP A 419 -14.68 3.44 -22.51
C ASP A 419 -15.11 3.97 -21.13
N ALA A 420 -15.73 5.15 -21.10
CA ALA A 420 -16.20 5.75 -19.86
C ALA A 420 -17.32 4.91 -19.27
N LEU A 421 -18.19 4.43 -20.15
CA LEU A 421 -19.29 3.55 -19.72
C LEU A 421 -18.74 2.28 -19.09
N VAL A 422 -17.74 1.70 -19.74
CA VAL A 422 -17.08 0.47 -19.26
C VAL A 422 -16.44 0.66 -17.88
N LYS A 423 -15.69 1.74 -17.72
CA LYS A 423 -15.04 2.05 -16.45
C LYS A 423 -16.08 2.32 -15.37
N ALA A 424 -17.17 3.00 -15.72
CA ALA A 424 -18.21 3.29 -14.75
C ALA A 424 -18.86 1.98 -14.31
N LEU A 425 -19.10 1.10 -15.26
CA LEU A 425 -19.70 -0.17 -14.93
C LEU A 425 -18.78 -1.00 -14.02
N TYR A 426 -17.50 -1.04 -14.36
CA TYR A 426 -16.58 -1.86 -13.57
C TYR A 426 -16.40 -1.25 -12.20
N GLY A 427 -16.21 0.05 -12.12
CA GLY A 427 -16.03 0.70 -10.85
C GLY A 427 -17.24 0.54 -9.96
N ARG A 428 -18.42 0.71 -10.53
CA ARG A 428 -19.65 0.61 -9.73
C ARG A 428 -19.89 -0.80 -9.26
N LEU A 429 -19.64 -1.77 -10.15
CA LEU A 429 -19.74 -3.18 -9.78
C LEU A 429 -18.82 -3.52 -8.60
N PHE A 430 -17.56 -3.05 -8.67
CA PHE A 430 -16.63 -3.31 -7.58
C PHE A 430 -17.14 -2.77 -6.24
N LEU A 431 -17.63 -1.54 -6.27
CA LEU A 431 -18.21 -0.91 -5.10
C LEU A 431 -19.40 -1.72 -4.57
N TRP A 432 -20.21 -2.21 -5.48
CA TRP A 432 -21.36 -3.04 -5.11
C TRP A 432 -20.90 -4.32 -4.45
N LEU A 433 -19.90 -4.98 -5.03
CA LEU A 433 -19.35 -6.21 -4.44
C LEU A 433 -18.87 -5.95 -3.03
N VAL A 434 -18.19 -4.82 -2.82
CA VAL A 434 -17.68 -4.48 -1.49
C VAL A 434 -18.85 -4.28 -0.51
N LYS A 435 -19.87 -3.53 -0.91
CA LYS A 435 -21.02 -3.28 -0.02
C LYS A 435 -21.79 -4.58 0.29
N LYS A 436 -21.94 -5.43 -0.72
CA LYS A 436 -22.60 -6.71 -0.51
C LYS A 436 -21.85 -7.52 0.53
N ILE A 437 -20.52 -7.57 0.39
CA ILE A 437 -19.68 -8.30 1.33
C ILE A 437 -19.83 -7.70 2.73
N ASN A 438 -19.76 -6.37 2.83
CA ASN A 438 -19.92 -5.70 4.11
C ASN A 438 -21.30 -6.01 4.75
N ASN A 439 -22.34 -6.12 3.94
CA ASN A 439 -23.66 -6.39 4.48
C ASN A 439 -23.67 -7.72 5.24
N VAL A 440 -22.93 -8.71 4.75
CA VAL A 440 -22.87 -9.99 5.43
C VAL A 440 -21.95 -9.94 6.66
N LEU A 441 -20.77 -9.33 6.50
CA LEU A 441 -19.74 -9.33 7.56
C LEU A 441 -19.90 -8.33 8.73
N CYS A 442 -20.35 -7.12 8.46
CA CYS A 442 -20.38 -6.03 9.47
C CYS A 442 -21.32 -6.26 10.69
N GLU A 443 -20.84 -5.91 11.90
CA GLU A 443 -21.37 -6.40 13.23
C GLU A 443 -22.88 -6.66 13.65
N GLU A 444 -23.68 -5.64 14.00
CA GLU A 444 -23.40 -4.22 13.76
C GLU A 444 -23.01 -3.33 14.93
N ARG A 445 -22.97 -3.87 16.13
CA ARG A 445 -22.44 -3.12 17.25
C ARG A 445 -21.20 -3.94 17.60
N LYS A 446 -20.04 -3.44 17.24
CA LYS A 446 -18.82 -4.16 17.58
C LYS A 446 -18.30 -3.53 18.84
N ALA A 447 -17.56 -4.30 19.62
CA ALA A 447 -16.97 -3.77 20.82
C ALA A 447 -15.63 -3.11 20.49
N TYR A 448 -14.78 -3.81 19.73
CA TYR A 448 -13.44 -3.31 19.41
C TYR A 448 -13.11 -3.73 17.97
N PHE A 449 -12.04 -3.17 17.42
CA PHE A 449 -11.56 -3.60 16.11
C PHE A 449 -10.04 -3.54 15.95
N ILE A 450 -9.54 -4.36 15.04
CA ILE A 450 -8.15 -4.29 14.58
C ILE A 450 -8.26 -4.04 13.09
N GLY A 451 -7.72 -2.92 12.64
CA GLY A 451 -7.83 -2.53 11.25
C GLY A 451 -6.53 -2.77 10.52
N VAL A 452 -6.59 -3.32 9.32
CA VAL A 452 -5.39 -3.58 8.55
C VAL A 452 -5.43 -2.80 7.24
N LEU A 453 -4.43 -1.99 7.04
CA LEU A 453 -4.32 -1.14 5.88
C LEU A 453 -3.33 -1.76 4.90
N ASP A 454 -3.79 -2.06 3.70
CA ASP A 454 -2.94 -2.65 2.66
C ASP A 454 -2.99 -1.69 1.48
N ILE A 455 -2.01 -0.78 1.43
CA ILE A 455 -1.94 0.19 0.35
C ILE A 455 -0.49 0.43 -0.06
N GLU A 456 -0.33 0.83 -1.29
CA GLU A 456 0.97 1.24 -1.83
C GLU A 456 1.64 2.31 -1.01
N GLY A 457 2.98 2.27 -0.99
CA GLY A 457 3.77 3.34 -0.41
C GLY A 457 3.95 4.47 -1.42
N PHE A 458 4.87 5.38 -1.19
CA PHE A 458 5.07 6.50 -2.12
C PHE A 458 5.31 5.94 -3.51
N GLU A 459 4.76 6.55 -4.55
CA GLU A 459 5.01 6.08 -5.91
C GLU A 459 5.75 7.15 -6.68
N ILE A 460 6.91 6.80 -7.24
CA ILE A 460 7.66 7.70 -8.08
C ILE A 460 8.03 6.94 -9.34
N PHE A 461 7.22 7.11 -10.37
CA PHE A 461 7.43 6.41 -11.63
C PHE A 461 7.99 7.36 -12.66
N LYS A 462 8.28 6.82 -13.83
CA LYS A 462 8.78 7.59 -14.96
C LYS A 462 7.70 8.57 -15.41
N VAL A 463 6.45 8.19 -15.18
CA VAL A 463 5.34 9.09 -15.46
C VAL A 463 4.40 9.01 -14.29
N ASN A 464 4.13 10.18 -13.71
CA ASN A 464 3.24 10.28 -12.57
C ASN A 464 2.04 11.17 -12.88
N SER A 465 0.84 10.63 -12.70
CA SER A 465 -0.38 11.34 -13.03
C SER A 465 -1.20 11.57 -11.75
N PHE A 466 -2.48 11.88 -11.92
CA PHE A 466 -3.33 12.25 -10.80
C PHE A 466 -3.39 11.16 -9.72
N GLU A 467 -3.48 9.91 -10.14
CA GLU A 467 -3.53 8.77 -9.21
C GLU A 467 -2.28 8.69 -8.34
N GLN A 468 -1.11 8.98 -8.91
CA GLN A 468 0.11 9.04 -8.13
C GLN A 468 0.04 10.18 -7.12
N LEU A 469 -0.44 11.35 -7.52
CA LEU A 469 -0.54 12.45 -6.57
C LEU A 469 -1.44 12.02 -5.39
N CYS A 470 -2.55 11.36 -5.70
CA CYS A 470 -3.44 10.92 -4.65
C CYS A 470 -2.74 9.97 -3.67
N ILE A 471 -2.05 8.96 -4.19
CA ILE A 471 -1.40 7.99 -3.31
C ILE A 471 -0.25 8.63 -2.53
N ASN A 472 0.50 9.55 -3.17
CA ASN A 472 1.59 10.24 -2.48
C ASN A 472 1.06 11.17 -1.38
N TYR A 473 -0.12 11.72 -1.62
CA TYR A 473 -0.82 12.58 -0.66
C TYR A 473 -1.15 11.69 0.54
N THR A 474 -1.70 10.50 0.30
CA THR A 474 -2.02 9.58 1.40
C THR A 474 -0.77 9.23 2.21
N ASN A 475 0.31 8.90 1.50
CA ASN A 475 1.55 8.54 2.17
C ASN A 475 2.17 9.68 2.97
N GLU A 476 2.00 10.93 2.51
CA GLU A 476 2.49 12.07 3.28
C GLU A 476 1.77 12.03 4.62
N LYS A 477 0.46 11.79 4.60
CA LYS A 477 -0.30 11.78 5.84
C LYS A 477 0.09 10.60 6.74
N LEU A 478 0.35 9.44 6.13
CA LEU A 478 0.73 8.26 6.93
C LEU A 478 2.08 8.42 7.54
N GLN A 479 3.00 9.04 6.80
CA GLN A 479 4.35 9.27 7.31
C GLN A 479 4.30 10.28 8.45
N GLN A 480 3.50 11.33 8.28
CA GLN A 480 3.33 12.31 9.34
C GLN A 480 2.74 11.63 10.59
N PHE A 481 1.81 10.72 10.38
CA PHE A 481 1.17 9.99 11.49
C PHE A 481 2.22 9.15 12.22
N PHE A 482 3.12 8.52 11.47
CA PHE A 482 4.17 7.76 12.11
C PHE A 482 5.10 8.67 12.94
N ASN A 483 5.58 9.75 12.34
CA ASN A 483 6.46 10.68 13.03
C ASN A 483 5.80 11.28 14.28
N HIS A 484 4.53 11.61 14.17
CA HIS A 484 3.82 12.18 15.30
C HIS A 484 3.68 11.12 16.37
N HIS A 485 3.47 9.86 15.96
CA HIS A 485 3.34 8.78 16.95
C HIS A 485 4.62 8.66 17.75
N MET A 486 5.76 8.69 17.08
CA MET A 486 7.07 8.66 17.72
C MET A 486 7.27 9.82 18.69
N PHE A 487 6.96 11.04 18.24
CA PHE A 487 7.06 12.22 19.08
C PHE A 487 6.27 12.02 20.38
N LYS A 488 5.01 11.59 20.26
CA LYS A 488 4.16 11.39 21.44
C LYS A 488 4.69 10.32 22.38
N LEU A 489 5.18 9.23 21.82
CA LEU A 489 5.72 8.15 22.63
C LEU A 489 6.92 8.64 23.44
N GLU A 490 7.84 9.31 22.77
CA GLU A 490 9.05 9.80 23.40
C GLU A 490 8.73 10.88 24.42
N GLN A 491 7.84 11.80 24.05
CA GLN A 491 7.48 12.90 24.92
C GLN A 491 6.90 12.33 26.21
N GLU A 492 6.01 11.37 26.08
CA GLU A 492 5.40 10.75 27.24
C GLU A 492 6.46 10.07 28.11
N GLU A 493 7.32 9.27 27.50
CA GLU A 493 8.38 8.57 28.25
C GLU A 493 9.31 9.54 28.97
N TYR A 494 9.70 10.62 28.30
CA TYR A 494 10.61 11.60 28.90
C TYR A 494 9.91 12.37 30.01
N LEU A 495 8.71 12.89 29.73
CA LEU A 495 7.93 13.62 30.73
C LEU A 495 7.49 12.73 31.89
N LYS A 496 7.58 11.41 31.71
CA LYS A 496 7.19 10.49 32.76
C LYS A 496 8.29 10.45 33.80
N GLU A 497 9.50 10.17 33.34
CA GLU A 497 10.66 10.09 34.21
C GLU A 497 11.29 11.47 34.51
N LYS A 498 10.73 12.56 33.98
CA LYS A 498 11.25 13.93 34.22
C LYS A 498 12.72 14.01 33.80
N ILE A 499 13.00 14.59 32.63
CA ILE A 499 14.31 14.41 31.98
C ILE A 499 14.45 15.32 30.74
N ASN A 500 14.89 16.56 30.99
CA ASN A 500 14.84 17.68 30.04
C ASN A 500 15.39 17.60 28.61
N TRP A 501 14.58 17.12 27.69
CA TRP A 501 14.91 17.21 26.27
C TRP A 501 13.80 17.99 25.60
N THR A 502 14.20 18.94 24.78
CA THR A 502 13.27 19.68 23.97
C THR A 502 13.38 18.99 22.62
N PHE A 503 12.37 18.23 22.23
CA PHE A 503 12.37 17.71 20.87
C PHE A 503 11.12 18.13 20.18
N ILE A 504 11.37 18.27 18.91
CA ILE A 504 10.48 18.82 17.96
C ILE A 504 9.72 17.64 17.37
N ASP A 505 8.42 17.84 17.22
CA ASP A 505 7.58 16.86 16.56
C ASP A 505 7.87 16.95 15.06
N PHE A 506 8.60 15.96 14.54
CA PHE A 506 8.98 15.92 13.13
C PHE A 506 7.77 15.82 12.21
N GLY A 507 6.61 15.51 12.77
CA GLY A 507 5.37 15.48 12.01
C GLY A 507 5.06 16.86 11.44
N LEU A 508 5.52 17.90 12.12
CA LEU A 508 5.29 19.26 11.63
C LEU A 508 5.97 19.45 10.27
N ASP A 509 7.05 18.72 10.00
CA ASP A 509 7.80 18.86 8.75
C ASP A 509 7.02 18.48 7.50
N SER A 510 5.97 17.68 7.69
CA SER A 510 5.14 17.20 6.59
C SER A 510 4.04 18.17 6.19
N GLN A 511 3.76 19.13 7.07
CA GLN A 511 2.63 20.02 6.85
C GLN A 511 2.69 20.85 5.59
N ALA A 512 3.87 21.31 5.21
CA ALA A 512 3.99 22.22 4.05
C ALA A 512 3.59 21.49 2.76
N THR A 513 4.03 20.26 2.59
CA THR A 513 3.69 19.48 1.39
C THR A 513 2.22 19.14 1.41
N ILE A 514 1.75 18.70 2.57
CA ILE A 514 0.34 18.38 2.74
C ILE A 514 -0.49 19.60 2.36
N ASP A 515 -0.13 20.77 2.87
CA ASP A 515 -0.88 22.02 2.59
C ASP A 515 -0.84 22.37 1.09
N LEU A 516 0.33 22.21 0.49
CA LEU A 516 0.46 22.47 -0.94
C LEU A 516 -0.55 21.64 -1.72
N ILE A 517 -0.80 20.42 -1.28
CA ILE A 517 -1.74 19.57 -1.97
C ILE A 517 -3.19 19.89 -1.63
N ASP A 518 -3.50 19.94 -0.34
CA ASP A 518 -4.91 19.95 0.05
C ASP A 518 -5.42 21.24 0.73
N GLY A 519 -4.59 22.26 0.90
CA GLY A 519 -4.98 23.51 1.54
C GLY A 519 -6.14 24.21 0.88
N ARG A 520 -6.90 24.92 1.69
CA ARG A 520 -8.01 25.73 1.22
C ARG A 520 -7.63 27.22 1.01
N GLN A 521 -6.92 27.79 1.97
CA GLN A 521 -6.46 29.17 1.85
C GLN A 521 -5.07 29.29 2.45
N PRO A 522 -4.08 29.60 1.64
CA PRO A 522 -4.23 29.75 0.19
C PRO A 522 -4.59 28.42 -0.45
N PRO A 523 -5.26 28.41 -1.59
CA PRO A 523 -5.65 27.15 -2.22
C PRO A 523 -4.46 26.32 -2.62
N GLY A 524 -4.56 25.01 -2.38
CA GLY A 524 -3.55 24.08 -2.83
C GLY A 524 -3.91 23.50 -4.20
N ILE A 525 -3.16 22.49 -4.61
CA ILE A 525 -3.34 21.89 -5.93
C ILE A 525 -4.75 21.36 -6.16
N LEU A 526 -5.25 20.57 -5.20
CA LEU A 526 -6.58 19.99 -5.33
C LEU A 526 -7.68 21.05 -5.43
N ALA A 527 -7.55 22.12 -4.65
CA ALA A 527 -8.53 23.20 -4.69
C ALA A 527 -8.52 23.92 -6.06
N LEU A 528 -7.34 24.16 -6.61
CA LEU A 528 -7.26 24.82 -7.92
C LEU A 528 -7.80 23.91 -9.01
N LEU A 529 -7.48 22.62 -8.90
CA LEU A 529 -7.99 21.60 -9.81
C LEU A 529 -9.51 21.63 -9.78
N ASP A 530 -10.09 21.64 -8.58
CA ASP A 530 -11.55 21.69 -8.44
C ASP A 530 -12.09 22.99 -9.05
N GLU A 531 -11.42 24.12 -8.80
CA GLU A 531 -11.88 25.41 -9.32
C GLU A 531 -11.89 25.37 -10.86
N GLN A 532 -10.85 24.82 -11.47
CA GLN A 532 -10.78 24.67 -12.92
C GLN A 532 -11.79 23.67 -13.45
N SER A 533 -12.17 22.71 -12.63
CA SER A 533 -13.08 21.63 -13.03
C SER A 533 -14.55 22.02 -13.09
N VAL A 534 -15.05 22.64 -12.03
CA VAL A 534 -16.49 22.88 -11.92
C VAL A 534 -16.96 24.18 -12.55
N PHE A 535 -16.08 24.81 -13.32
CA PHE A 535 -16.47 26.00 -14.06
C PHE A 535 -15.99 25.82 -15.50
N PRO A 536 -16.61 26.53 -16.45
CA PRO A 536 -16.30 26.37 -17.87
C PRO A 536 -15.01 27.05 -18.34
N ASN A 537 -14.64 26.79 -19.61
CA ASN A 537 -13.45 27.38 -20.25
C ASN A 537 -12.08 26.87 -19.79
N ALA A 538 -12.00 25.68 -19.20
CA ALA A 538 -10.70 25.19 -18.71
C ALA A 538 -10.11 24.06 -19.55
N THR A 539 -8.77 24.04 -19.66
CA THR A 539 -8.03 22.98 -20.35
C THR A 539 -6.86 22.54 -19.48
N ASP A 540 -6.12 21.53 -19.93
CA ASP A 540 -4.95 21.06 -19.22
C ASP A 540 -3.98 22.23 -19.10
N ASN A 541 -3.88 22.99 -20.19
CA ASN A 541 -3.02 24.14 -20.22
C ASN A 541 -3.45 25.25 -19.25
N THR A 542 -4.74 25.58 -19.16
CA THR A 542 -5.13 26.62 -18.19
C THR A 542 -4.85 26.09 -16.79
N LEU A 543 -5.07 24.79 -16.57
CA LEU A 543 -4.83 24.21 -15.26
C LEU A 543 -3.37 24.32 -14.85
N ILE A 544 -2.44 23.82 -15.68
CA ILE A 544 -1.02 23.86 -15.34
C ILE A 544 -0.55 25.32 -15.18
N THR A 545 -1.05 26.21 -16.04
CA THR A 545 -0.70 27.62 -15.94
C THR A 545 -1.11 28.20 -14.59
N LYS A 546 -2.29 27.82 -14.12
CA LYS A 546 -2.79 28.33 -12.84
C LYS A 546 -1.93 27.83 -11.69
N LEU A 547 -1.57 26.54 -11.74
CA LEU A 547 -0.72 25.96 -10.71
C LEU A 547 0.60 26.70 -10.65
N HIS A 548 1.19 26.95 -11.81
CA HIS A 548 2.47 27.67 -11.85
C HIS A 548 2.26 29.08 -11.25
N SER A 549 1.16 29.72 -11.63
CA SER A 549 0.87 31.09 -11.20
C SER A 549 0.80 31.19 -9.68
N HIS A 550 0.23 30.17 -9.06
CA HIS A 550 0.09 30.14 -7.62
C HIS A 550 1.33 29.71 -6.88
N PHE A 551 2.13 28.79 -7.45
CA PHE A 551 3.21 28.15 -6.68
C PHE A 551 4.65 28.28 -7.17
N SER A 552 4.86 28.58 -8.45
CA SER A 552 6.22 28.67 -8.98
C SER A 552 7.00 29.84 -8.37
N LYS A 553 8.10 29.53 -7.67
CA LYS A 553 8.92 30.48 -6.93
C LYS A 553 8.17 31.12 -5.79
N LYS A 554 7.03 30.55 -5.45
CA LYS A 554 6.19 31.09 -4.39
C LYS A 554 5.92 30.09 -3.28
N ASN A 555 5.96 28.78 -3.58
CA ASN A 555 5.82 27.76 -2.56
C ASN A 555 7.05 26.89 -2.64
N ALA A 556 7.76 26.78 -1.53
CA ALA A 556 9.05 26.09 -1.48
C ALA A 556 9.00 24.58 -1.80
N LYS A 557 7.82 23.97 -1.77
CA LYS A 557 7.69 22.53 -2.07
C LYS A 557 7.30 22.26 -3.54
N TYR A 558 7.21 23.32 -4.34
CA TYR A 558 6.75 23.21 -5.72
C TYR A 558 7.83 23.61 -6.66
N GLU A 559 7.85 23.01 -7.85
CA GLU A 559 8.81 23.41 -8.87
C GLU A 559 8.23 23.44 -10.27
N GLU A 560 8.33 24.59 -10.93
CA GLU A 560 7.91 24.72 -12.32
C GLU A 560 9.12 24.20 -13.14
N PRO A 561 8.89 23.28 -14.07
CA PRO A 561 10.03 22.73 -14.82
C PRO A 561 10.71 23.76 -15.71
N ARG A 562 11.98 23.52 -15.98
CA ARG A 562 12.72 24.41 -16.87
C ARG A 562 12.15 24.41 -18.28
N PHE A 563 11.74 23.25 -18.78
CA PHE A 563 11.28 23.18 -20.17
C PHE A 563 9.86 22.64 -20.37
N SER A 564 9.50 21.58 -19.67
CA SER A 564 8.20 20.99 -19.90
C SER A 564 7.08 21.98 -19.59
N LYS A 565 6.08 22.01 -20.46
CA LYS A 565 4.91 22.87 -20.27
C LYS A 565 3.74 22.08 -19.69
N THR A 566 3.93 20.80 -19.40
CA THR A 566 2.82 19.98 -18.92
C THR A 566 3.08 19.28 -17.61
N GLU A 567 4.19 19.58 -16.97
CA GLU A 567 4.55 18.93 -15.72
C GLU A 567 4.80 19.93 -14.61
N PHE A 568 4.75 19.44 -13.37
CA PHE A 568 5.13 20.26 -12.21
C PHE A 568 5.69 19.29 -11.18
N GLY A 569 6.59 19.76 -10.34
CA GLY A 569 7.19 18.96 -9.29
C GLY A 569 6.70 19.30 -7.90
N VAL A 570 6.54 18.26 -7.07
CA VAL A 570 6.24 18.42 -5.65
C VAL A 570 7.34 17.74 -4.84
N THR A 571 7.87 18.45 -3.86
CA THR A 571 8.86 17.90 -2.96
C THR A 571 8.14 17.12 -1.87
N HIS A 572 8.14 15.81 -2.03
CA HIS A 572 7.48 14.91 -1.10
C HIS A 572 8.49 14.42 -0.07
N TYR A 573 7.99 13.77 0.98
CA TYR A 573 8.87 13.25 2.02
C TYR A 573 9.95 12.35 1.41
N ALA A 574 9.60 11.53 0.43
CA ALA A 574 10.55 10.60 -0.18
C ALA A 574 11.30 11.13 -1.40
N GLY A 575 11.15 12.42 -1.70
CA GLY A 575 11.87 13.02 -2.81
C GLY A 575 10.95 13.79 -3.70
N GLN A 576 11.51 14.47 -4.68
CA GLN A 576 10.72 15.21 -5.62
C GLN A 576 10.03 14.26 -6.58
N VAL A 577 8.78 14.55 -6.87
CA VAL A 577 8.03 13.79 -7.84
C VAL A 577 7.54 14.77 -8.88
N MET A 578 7.72 14.43 -10.16
CA MET A 578 7.23 15.24 -11.26
C MET A 578 5.91 14.65 -11.74
N TYR A 579 4.89 15.49 -11.83
CA TYR A 579 3.56 15.10 -12.27
C TYR A 579 3.26 15.71 -13.62
N GLU A 580 2.57 14.95 -14.45
CA GLU A 580 2.11 15.42 -15.74
C GLU A 580 0.62 15.67 -15.59
N ILE A 581 0.13 16.70 -16.27
CA ILE A 581 -1.21 17.19 -16.07
C ILE A 581 -2.27 16.67 -17.03
N GLN A 582 -1.86 15.90 -18.02
CA GLN A 582 -2.80 15.48 -19.07
C GLN A 582 -4.03 14.80 -18.49
N ASP A 583 -5.21 15.22 -18.94
CA ASP A 583 -6.49 14.62 -18.54
C ASP A 583 -6.92 14.81 -17.08
N TRP A 584 -6.24 15.66 -16.32
CA TRP A 584 -6.62 15.83 -14.91
C TRP A 584 -8.05 16.36 -14.75
N LEU A 585 -8.46 17.30 -15.59
CA LEU A 585 -9.81 17.82 -15.51
C LEU A 585 -10.84 16.69 -15.67
N GLU A 586 -10.64 15.87 -16.69
CA GLU A 586 -11.50 14.73 -16.95
C GLU A 586 -11.47 13.75 -15.79
N LYS A 587 -10.28 13.46 -15.28
CA LYS A 587 -10.13 12.54 -14.17
C LYS A 587 -10.88 13.07 -12.96
N ASN A 588 -10.87 14.38 -12.79
CA ASN A 588 -11.48 14.97 -11.59
C ASN A 588 -12.99 14.98 -11.65
N LYS A 589 -13.52 15.06 -12.86
CA LYS A 589 -14.96 15.07 -13.08
C LYS A 589 -15.50 13.66 -13.30
N ASP A 590 -14.65 12.78 -13.83
CA ASP A 590 -15.03 11.41 -14.15
C ASP A 590 -16.41 11.32 -14.81
N PRO A 591 -16.58 11.99 -15.94
CA PRO A 591 -17.90 12.10 -16.57
C PRO A 591 -18.41 10.87 -17.31
N LEU A 592 -19.74 10.80 -17.32
CA LEU A 592 -20.47 9.81 -18.07
C LEU A 592 -21.72 10.52 -18.64
N GLN A 593 -21.96 10.38 -19.95
CA GLN A 593 -23.09 11.06 -20.58
C GLN A 593 -24.41 10.64 -19.89
N GLN A 594 -25.23 11.63 -19.56
CA GLN A 594 -26.51 11.38 -18.92
C GLN A 594 -27.34 10.36 -19.70
N ASP A 595 -27.30 10.43 -21.03
CA ASP A 595 -28.08 9.48 -21.82
C ASP A 595 -27.61 8.06 -21.57
N LEU A 596 -26.33 7.87 -21.23
CA LEU A 596 -25.84 6.53 -20.93
C LEU A 596 -26.41 6.12 -19.58
N GLU A 597 -26.38 7.05 -18.63
CA GLU A 597 -26.92 6.81 -17.31
C GLU A 597 -28.39 6.44 -17.46
N LEU A 598 -29.11 7.18 -18.30
CA LEU A 598 -30.52 6.93 -18.57
C LEU A 598 -30.70 5.57 -19.21
N CYS A 599 -29.80 5.25 -20.13
CA CYS A 599 -29.85 3.98 -20.83
C CYS A 599 -29.87 2.80 -19.87
N PHE A 600 -28.94 2.79 -18.94
CA PHE A 600 -28.75 1.68 -17.99
C PHE A 600 -29.69 1.68 -16.76
N LYS A 601 -30.24 2.85 -16.43
CA LYS A 601 -31.20 2.92 -15.34
C LYS A 601 -32.46 2.09 -15.67
N ASP A 602 -32.67 1.82 -16.95
CA ASP A 602 -33.81 1.05 -17.44
C ASP A 602 -33.47 -0.43 -17.57
N SER A 603 -32.27 -0.83 -17.16
CA SER A 603 -31.83 -2.21 -17.30
C SER A 603 -32.80 -3.19 -16.67
N SER A 604 -32.92 -4.36 -17.28
CA SER A 604 -33.82 -5.39 -16.78
C SER A 604 -33.12 -6.25 -15.75
N ASP A 605 -31.79 -6.15 -15.66
CA ASP A 605 -31.03 -6.93 -14.69
C ASP A 605 -31.10 -6.33 -13.29
N ASN A 606 -31.20 -7.18 -12.28
CA ASN A 606 -31.31 -6.75 -10.89
C ASN A 606 -30.06 -6.10 -10.31
N VAL A 607 -28.88 -6.47 -10.79
CA VAL A 607 -27.66 -5.86 -10.27
C VAL A 607 -27.36 -4.58 -11.02
N VAL A 608 -27.42 -4.65 -12.35
CA VAL A 608 -27.17 -3.47 -13.18
C VAL A 608 -27.97 -2.28 -12.69
N THR A 609 -29.25 -2.53 -12.37
CA THR A 609 -30.16 -1.48 -11.92
C THR A 609 -29.71 -0.78 -10.64
N LYS A 610 -29.12 -1.52 -9.71
CA LYS A 610 -28.61 -0.91 -8.49
C LYS A 610 -27.42 0.01 -8.83
N LEU A 611 -26.59 -0.43 -9.77
CA LEU A 611 -25.37 0.32 -10.14
C LEU A 611 -25.69 1.71 -10.68
N PHE A 612 -26.91 1.89 -11.19
CA PHE A 612 -27.29 3.17 -11.76
C PHE A 612 -28.43 3.89 -11.02
N ASN A 613 -29.17 3.16 -10.18
CA ASN A 613 -30.27 3.75 -9.42
C ASN A 613 -29.99 3.96 -7.94
N ASP A 614 -29.00 3.25 -7.39
CA ASP A 614 -28.64 3.46 -5.98
C ASP A 614 -27.58 4.55 -5.90
N PRO A 615 -27.94 5.69 -5.35
CA PRO A 615 -27.06 6.86 -5.32
C PRO A 615 -25.79 6.60 -4.53
N ASN A 616 -25.86 5.65 -3.59
CA ASN A 616 -24.68 5.31 -2.81
C ASN A 616 -23.62 4.65 -3.70
N ILE A 617 -24.04 4.23 -4.89
CA ILE A 617 -23.15 3.59 -5.83
C ILE A 617 -22.98 4.41 -7.10
N ALA A 618 -24.07 5.01 -7.58
CA ALA A 618 -24.00 5.70 -8.87
C ALA A 618 -23.37 7.07 -8.81
N SER A 619 -23.30 7.64 -7.62
CA SER A 619 -22.86 8.99 -7.50
C SER A 619 -21.92 9.17 -6.41
N ARG A 620 -21.06 10.11 -6.68
CA ARG A 620 -20.21 10.48 -5.63
C ARG A 620 -21.20 11.29 -4.84
N ALA A 621 -21.06 11.45 -3.56
CA ALA A 621 -22.14 12.37 -3.02
C ALA A 621 -22.15 14.03 -3.13
N LYS A 622 -23.12 14.87 -2.62
CA LYS A 622 -23.48 16.32 -3.02
C LYS A 622 -22.59 17.47 -2.49
N PHE A 627 -22.07 18.28 -7.58
CA PHE A 627 -21.42 17.11 -7.03
C PHE A 627 -20.16 17.39 -6.36
N ILE A 628 -19.51 16.32 -6.05
CA ILE A 628 -18.24 16.52 -5.49
C ILE A 628 -17.31 15.96 -6.47
N THR A 629 -16.13 16.57 -6.59
CA THR A 629 -15.16 16.08 -7.55
C THR A 629 -14.47 14.80 -7.02
N VAL A 630 -13.66 14.17 -7.86
CA VAL A 630 -12.92 12.99 -7.46
C VAL A 630 -11.88 13.36 -6.40
N ALA A 631 -11.25 14.52 -6.59
CA ALA A 631 -10.23 14.99 -5.65
C ALA A 631 -10.87 15.25 -4.28
N ALA A 632 -12.05 15.86 -4.28
CA ALA A 632 -12.72 16.17 -3.01
C ALA A 632 -13.12 14.89 -2.28
N GLN A 633 -13.62 13.92 -3.01
CA GLN A 633 -13.98 12.64 -2.46
C GLN A 633 -12.74 11.96 -1.89
N TYR A 634 -11.64 12.00 -2.65
CA TYR A 634 -10.41 11.39 -2.17
C TYR A 634 -9.95 12.04 -0.86
N LYS A 635 -10.01 13.36 -0.81
CA LYS A 635 -9.58 14.11 0.38
C LYS A 635 -10.45 13.72 1.58
N GLU A 636 -11.75 13.59 1.36
CA GLU A 636 -12.68 13.27 2.45
C GLU A 636 -12.47 11.85 2.96
N GLN A 637 -12.29 10.91 2.04
CA GLN A 637 -12.07 9.52 2.41
C GLN A 637 -10.76 9.36 3.16
N LEU A 638 -9.72 10.08 2.76
CA LEU A 638 -8.44 10.01 3.46
C LEU A 638 -8.57 10.62 4.86
N ALA A 639 -9.28 11.74 4.99
CA ALA A 639 -9.47 12.35 6.30
C ALA A 639 -10.25 11.37 7.23
N SER A 640 -11.26 10.69 6.70
CA SER A 640 -12.00 9.71 7.51
C SER A 640 -11.08 8.58 7.96
N LEU A 641 -10.29 8.06 7.04
CA LEU A 641 -9.31 7.03 7.36
C LEU A 641 -8.36 7.52 8.44
N MET A 642 -7.81 8.74 8.31
CA MET A 642 -6.86 9.22 9.30
C MET A 642 -7.54 9.38 10.66
N ALA A 643 -8.79 9.85 10.65
CA ALA A 643 -9.48 10.05 11.92
C ALA A 643 -9.66 8.69 12.61
N THR A 644 -9.98 7.64 11.84
CA THR A 644 -10.10 6.29 12.43
C THR A 644 -8.75 5.81 12.99
N LEU A 645 -7.68 6.02 12.22
CA LEU A 645 -6.35 5.58 12.66
C LEU A 645 -5.93 6.29 13.93
N GLU A 646 -6.30 7.57 14.04
CA GLU A 646 -5.94 8.34 15.22
C GLU A 646 -6.57 7.83 16.49
N THR A 647 -7.64 7.04 16.39
CA THR A 647 -8.22 6.49 17.60
C THR A 647 -7.61 5.16 17.96
N THR A 648 -6.64 4.67 17.18
CA THR A 648 -6.07 3.37 17.46
C THR A 648 -4.66 3.43 17.96
N ASN A 649 -4.21 2.28 18.45
CA ASN A 649 -2.81 2.06 18.76
C ASN A 649 -2.25 1.45 17.45
N PRO A 650 -1.35 2.14 16.76
CA PRO A 650 -0.84 1.65 15.46
C PRO A 650 0.39 0.76 15.54
N HIS A 651 0.52 -0.10 14.52
CA HIS A 651 1.65 -1.01 14.37
C HIS A 651 2.08 -0.90 12.90
N PHE A 652 3.38 -0.90 12.66
CA PHE A 652 3.90 -0.58 11.33
C PHE A 652 4.71 -1.70 10.72
N VAL A 653 4.30 -2.10 9.51
CA VAL A 653 4.98 -3.13 8.76
C VAL A 653 5.47 -2.52 7.46
N ARG A 654 6.78 -2.62 7.21
CA ARG A 654 7.38 -2.13 5.97
C ARG A 654 7.80 -3.31 5.11
N CYS A 655 7.09 -3.55 4.02
CA CYS A 655 7.43 -4.63 3.08
C CYS A 655 8.46 -4.13 2.08
N ILE A 656 9.48 -4.96 1.85
CA ILE A 656 10.62 -4.59 0.99
C ILE A 656 10.76 -5.62 -0.15
N ILE A 657 10.86 -5.12 -1.37
CA ILE A 657 11.15 -5.98 -2.51
C ILE A 657 12.66 -6.12 -2.65
N PRO A 658 13.15 -7.36 -2.80
CA PRO A 658 14.59 -7.59 -2.85
C PRO A 658 15.28 -7.25 -4.18
N ASN A 659 14.50 -7.28 -5.25
CA ASN A 659 14.97 -6.98 -6.60
C ASN A 659 13.74 -6.67 -7.48
N ASN A 660 14.00 -6.35 -8.75
CA ASN A 660 12.92 -6.10 -9.71
C ASN A 660 12.74 -7.24 -10.70
N LYS A 661 13.23 -8.43 -10.37
CA LYS A 661 13.10 -9.58 -11.27
C LYS A 661 12.25 -10.70 -10.70
N GLN A 662 11.61 -10.46 -9.57
CA GLN A 662 10.78 -11.48 -8.93
C GLN A 662 11.57 -12.77 -8.71
N LEU A 663 12.83 -12.64 -8.32
CA LEU A 663 13.70 -13.79 -8.09
C LEU A 663 14.07 -13.93 -6.61
N PRO A 664 14.14 -15.17 -6.13
CA PRO A 664 14.63 -15.47 -4.79
C PRO A 664 16.14 -15.37 -4.72
N ALA A 665 16.66 -15.36 -3.49
CA ALA A 665 18.09 -15.38 -3.22
C ALA A 665 18.86 -14.36 -4.03
N LYS A 666 18.31 -13.14 -4.13
CA LYS A 666 18.96 -12.07 -4.88
C LYS A 666 18.59 -10.74 -4.27
N LEU A 667 19.19 -10.43 -3.12
CA LEU A 667 18.95 -9.20 -2.38
C LEU A 667 19.86 -8.11 -2.96
N GLU A 668 19.31 -7.26 -3.81
CA GLU A 668 20.08 -6.24 -4.52
C GLU A 668 20.24 -4.94 -3.72
N ASP A 669 21.49 -4.59 -3.44
CA ASP A 669 21.79 -3.46 -2.58
C ASP A 669 21.11 -2.17 -2.99
N LYS A 670 21.20 -1.82 -4.27
CA LYS A 670 20.64 -0.54 -4.72
C LYS A 670 19.12 -0.53 -4.55
N VAL A 671 18.49 -1.62 -4.99
CA VAL A 671 17.04 -1.75 -4.91
C VAL A 671 16.55 -1.60 -3.47
N VAL A 672 17.20 -2.31 -2.55
CA VAL A 672 16.81 -2.31 -1.15
C VAL A 672 17.06 -0.98 -0.44
N LEU A 673 18.26 -0.43 -0.60
CA LEU A 673 18.63 0.85 0.05
C LEU A 673 17.72 2.03 -0.33
N ASP A 674 17.27 2.08 -1.58
CA ASP A 674 16.32 3.10 -2.04
C ASP A 674 15.02 3.02 -1.26
N GLN A 675 14.55 1.80 -1.03
CA GLN A 675 13.30 1.61 -0.29
C GLN A 675 13.47 2.00 1.17
N LEU A 676 14.66 1.76 1.72
CA LEU A 676 14.93 2.09 3.11
C LEU A 676 14.98 3.60 3.31
N ARG A 677 15.39 4.32 2.27
CA ARG A 677 15.45 5.79 2.36
C ARG A 677 14.05 6.42 2.27
N CYS A 678 13.23 5.92 1.34
CA CYS A 678 11.91 6.44 1.04
C CYS A 678 10.76 5.93 1.91
N ASN A 679 10.96 4.85 2.65
CA ASN A 679 9.88 4.39 3.52
C ASN A 679 9.94 4.83 5.00
N GLY A 680 10.96 5.60 5.43
CA GLY A 680 11.08 6.03 6.83
C GLY A 680 11.84 5.21 7.90
N VAL A 681 12.33 3.98 7.58
CA VAL A 681 13.10 3.10 8.50
C VAL A 681 14.49 3.64 8.79
N LEU A 682 15.13 4.21 7.76
CA LEU A 682 16.48 4.76 7.93
C LEU A 682 16.39 6.02 8.73
N GLU A 683 15.42 6.84 8.35
CA GLU A 683 15.22 8.08 9.03
C GLU A 683 14.73 7.79 10.45
N GLY A 684 13.72 6.93 10.55
CA GLY A 684 13.11 6.64 11.82
C GLY A 684 14.03 6.01 12.85
N ILE A 685 14.86 5.05 12.43
CA ILE A 685 15.63 4.29 13.40
C ILE A 685 16.67 5.19 14.08
N ARG A 686 16.98 6.30 13.43
CA ARG A 686 17.96 7.26 13.95
C ARG A 686 17.36 8.29 14.94
N ILE A 687 16.09 8.65 14.80
CA ILE A 687 15.47 9.68 15.65
C ILE A 687 15.63 9.47 17.15
N THR A 688 15.52 8.22 17.57
CA THR A 688 15.66 7.88 18.99
C THR A 688 17.10 8.06 19.46
N ARG A 689 18.04 7.96 18.52
CA ARG A 689 19.46 8.07 18.84
C ARG A 689 19.80 9.49 19.23
N LYS A 690 18.88 10.40 19.00
CA LYS A 690 19.03 11.76 19.48
C LYS A 690 18.52 11.80 20.92
N GLY A 691 19.43 11.95 21.87
CA GLY A 691 19.06 11.99 23.26
C GLY A 691 19.57 10.78 24.02
N PHE A 692 18.64 10.07 24.67
CA PHE A 692 18.99 8.90 25.47
C PHE A 692 18.12 7.71 25.05
N PRO A 693 18.58 6.96 24.04
CA PRO A 693 17.83 5.83 23.47
C PRO A 693 17.65 4.65 24.41
N ASN A 694 18.67 4.32 25.18
CA ASN A 694 18.59 3.20 26.11
C ASN A 694 18.18 3.68 27.49
N ARG A 695 17.18 3.02 28.06
CA ARG A 695 16.67 3.36 29.39
C ARG A 695 16.42 2.05 30.12
N ILE A 696 17.03 1.87 31.29
CA ILE A 696 16.88 0.63 32.03
C ILE A 696 16.46 0.89 33.47
N ILE A 697 15.56 0.06 33.98
CA ILE A 697 15.12 0.16 35.35
C ILE A 697 16.31 -0.03 36.27
N TYR A 698 16.42 0.81 37.29
CA TYR A 698 17.55 0.76 38.23
C TYR A 698 17.89 -0.65 38.69
N ALA A 699 16.91 -1.32 39.29
CA ALA A 699 17.11 -2.67 39.84
C ALA A 699 17.61 -3.69 38.80
N ASP A 700 17.13 -3.59 37.57
CA ASP A 700 17.54 -4.50 36.52
C ASP A 700 18.95 -4.17 36.02
N PHE A 701 19.39 -2.94 36.26
CA PHE A 701 20.73 -2.51 35.85
C PHE A 701 21.78 -3.07 36.82
N VAL A 702 21.50 -2.97 38.12
CA VAL A 702 22.40 -3.47 39.16
C VAL A 702 22.62 -4.97 39.05
N LYS A 703 21.63 -5.69 38.53
CA LYS A 703 21.72 -7.14 38.37
C LYS A 703 22.37 -7.51 37.04
N GLU A 717 19.99 -2.16 48.10
CA GLU A 717 18.80 -1.51 48.66
C GLU A 717 18.34 -0.39 47.74
N ASP A 718 19.00 0.77 47.81
CA ASP A 718 18.67 1.90 46.95
C ASP A 718 19.22 1.64 45.55
N SER A 719 18.32 1.31 44.61
CA SER A 719 18.72 1.01 43.23
C SER A 719 19.43 2.20 42.57
N GLN A 720 18.84 3.39 42.71
CA GLN A 720 19.40 4.62 42.13
C GLN A 720 20.88 4.78 42.51
N LYS A 721 21.14 4.90 43.82
CA LYS A 721 22.50 5.07 44.31
C LYS A 721 23.40 3.92 43.88
N ALA A 722 22.86 2.69 43.92
CA ALA A 722 23.62 1.50 43.54
C ALA A 722 24.12 1.62 42.09
N THR A 723 23.28 2.17 41.22
CA THR A 723 23.69 2.44 39.84
C THR A 723 24.68 3.64 39.77
N ASP A 724 24.44 4.70 40.56
CA ASP A 724 25.29 5.91 40.47
C ASP A 724 26.70 5.51 40.80
N ALA A 725 26.78 4.38 41.47
CA ALA A 725 28.02 3.87 41.98
C ALA A 725 28.72 2.89 41.02
N VAL A 726 27.97 2.08 40.29
CA VAL A 726 28.57 1.20 39.27
C VAL A 726 29.12 2.06 38.11
N LEU A 727 28.44 3.16 37.85
CA LEU A 727 28.83 4.11 36.79
C LEU A 727 30.03 4.94 37.23
N LYS A 728 29.95 5.52 38.42
CA LYS A 728 31.03 6.35 38.96
C LYS A 728 32.33 5.53 39.10
N HIS A 729 32.20 4.20 39.19
CA HIS A 729 33.35 3.31 39.30
C HIS A 729 34.18 3.30 38.01
N LEU A 730 33.68 4.01 37.00
CA LEU A 730 34.36 4.14 35.72
C LEU A 730 34.39 5.61 35.30
N ASP A 733 31.69 9.13 31.88
CA ASP A 733 31.35 10.55 31.78
C ASP A 733 29.88 10.75 32.11
N PRO A 734 29.59 11.47 33.20
CA PRO A 734 28.22 11.72 33.63
C PRO A 734 27.33 12.34 32.56
N GLU A 735 27.93 13.04 31.59
CA GLU A 735 27.18 13.64 30.49
C GLU A 735 26.54 12.55 29.62
N GLN A 736 27.07 11.32 29.72
CA GLN A 736 26.58 10.19 28.93
C GLN A 736 25.37 9.50 29.58
N PHE A 737 24.79 10.13 30.60
CA PHE A 737 23.65 9.54 31.29
C PHE A 737 22.90 10.59 32.09
N ARG A 738 21.59 10.38 32.25
CA ARG A 738 20.74 11.28 33.03
C ARG A 738 19.72 10.43 33.79
N PHE A 739 19.98 10.16 35.08
CA PHE A 739 19.07 9.39 35.92
C PHE A 739 17.62 9.88 35.76
N GLY A 740 16.66 8.98 35.95
CA GLY A 740 15.24 9.33 35.89
C GLY A 740 14.55 8.97 37.20
N ILE A 741 13.22 8.82 37.18
CA ILE A 741 12.47 8.45 38.39
C ILE A 741 12.46 6.94 38.60
N THR A 742 12.50 6.17 37.52
CA THR A 742 12.49 4.71 37.63
C THR A 742 13.60 4.03 36.81
N LYS A 743 14.18 4.74 35.86
CA LYS A 743 15.21 4.18 34.99
C LYS A 743 16.41 5.12 34.90
N ILE A 744 17.49 4.59 34.33
CA ILE A 744 18.71 5.35 34.07
C ILE A 744 18.78 5.56 32.55
N PHE A 745 18.96 6.80 32.13
CA PHE A 745 19.00 7.13 30.69
C PHE A 745 20.43 7.27 30.15
N PHE A 746 20.76 6.50 29.13
CA PHE A 746 22.08 6.53 28.51
C PHE A 746 22.06 7.14 27.11
N ARG A 747 23.16 7.77 26.71
CA ARG A 747 23.31 8.33 25.37
C ARG A 747 23.73 7.24 24.39
N ALA A 748 23.59 7.52 23.10
CA ALA A 748 23.93 6.57 22.06
C ALA A 748 25.31 5.94 22.30
N GLY A 749 25.37 4.61 22.27
CA GLY A 749 26.63 3.89 22.41
C GLY A 749 27.08 3.64 23.84
N GLN A 750 26.56 4.41 24.80
CA GLN A 750 27.00 4.28 26.17
C GLN A 750 26.69 2.91 26.77
N LEU A 751 25.43 2.49 26.66
CA LEU A 751 25.03 1.19 27.17
C LEU A 751 25.86 0.09 26.51
N ALA A 752 26.21 0.33 25.25
CA ALA A 752 27.00 -0.62 24.47
C ALA A 752 28.40 -0.77 25.05
N ARG A 753 28.99 0.35 25.48
CA ARG A 753 30.33 0.33 26.09
C ARG A 753 30.32 -0.49 27.38
N ILE A 754 29.29 -0.31 28.22
CA ILE A 754 29.19 -1.04 29.48
C ILE A 754 28.98 -2.53 29.24
#